data_2CLR
#
_entry.id   2CLR
#
_cell.length_a   50.410
_cell.length_b   62.909
_cell.length_c   74.810
_cell.angle_alpha   81.99
_cell.angle_beta   76.43
_cell.angle_gamma   78.06
#
_symmetry.space_group_name_H-M   'P 1'
#
loop_
_entity.id
_entity.type
_entity.pdbx_description
1 polymer 'CLASS I HISTOCOMPATIBILITY ANTIGEN (HLA-A 0201) (ALPHA CHAIN)'
2 polymer 'BETA 2-MICROGLOBULIN'
3 polymer 'DECAMERIC PEPTIDE FROM CALRETICULIN'
#
loop_
_entity_poly.entity_id
_entity_poly.type
_entity_poly.pdbx_seq_one_letter_code
_entity_poly.pdbx_strand_id
1 'polypeptide(L)'
;GSHSMRYFFTSVSRPGRGEPRFIAVGYVDDTQFVRFDSDAASQRMEPRAPWIEQEGPEYWDGETRKVKAHSQTHRVDLGT
LRGYYNQSEAGSHTVQRMYGCDVGSDWRFLRGYHQYAYDGKDYIALKEDLRSWTAADMAAQTTKHKWEAAHVAEQLRAYL
EGTCVEWLRRYLENGKETLQRTDAPKTHMTHHAVSDHEATLRCWALSFYPAEITLTWQRDGEDQTQDTELVETRPAGDGT
FQKWAAVVVPSGQEQRYTCHVQHEGLPKPLTLRWE
;
A,D
2 'polypeptide(L)'
;MIQRTPKIQVYSRHPAENGKSNFLNCYVSGFHPSDIEVDLLKNGERIEKVEHSDLSFSKDWSFYLLYYTEFTPTEKDEYA
CRVNHVTLSQPKIVKWDRDM
;
B,E
3 'polypeptide(L)' MLLSVPLLLG C,F
#
# COMPACT_ATOMS: atom_id res chain seq x y z
N GLY A 1 -4.81 -16.16 -19.28
CA GLY A 1 -3.70 -16.05 -18.28
C GLY A 1 -3.59 -14.64 -17.74
N SER A 2 -2.49 -13.96 -18.06
CA SER A 2 -2.23 -12.60 -17.60
C SER A 2 -3.01 -11.56 -18.40
N HIS A 3 -3.13 -10.35 -17.82
CA HIS A 3 -3.87 -9.25 -18.43
C HIS A 3 -3.29 -7.90 -18.06
N SER A 4 -3.66 -6.89 -18.83
CA SER A 4 -3.19 -5.55 -18.59
C SER A 4 -4.22 -4.51 -19.01
N MET A 5 -4.11 -3.32 -18.44
CA MET A 5 -4.97 -2.22 -18.83
C MET A 5 -4.01 -1.07 -19.07
N ARG A 6 -4.26 -0.29 -20.11
CA ARG A 6 -3.38 0.83 -20.46
C ARG A 6 -4.15 2.03 -20.98
N TYR A 7 -3.72 3.21 -20.57
CA TYR A 7 -4.30 4.47 -21.04
C TYR A 7 -3.19 5.27 -21.72
N PHE A 8 -3.40 5.65 -22.97
CA PHE A 8 -2.41 6.41 -23.71
C PHE A 8 -2.97 7.81 -24.01
N PHE A 9 -2.17 8.82 -23.71
CA PHE A 9 -2.59 10.19 -23.96
C PHE A 9 -1.54 10.92 -24.82
N THR A 10 -2.00 11.65 -25.83
CA THR A 10 -1.14 12.40 -26.74
C THR A 10 -1.64 13.83 -26.91
N SER A 11 -0.82 14.79 -26.49
CA SER A 11 -1.16 16.20 -26.64
C SER A 11 -0.13 16.82 -27.60
N VAL A 12 -0.62 17.49 -28.64
CA VAL A 12 0.26 18.12 -29.63
C VAL A 12 -0.14 19.57 -29.83
N SER A 13 0.77 20.50 -29.55
CA SER A 13 0.46 21.91 -29.68
C SER A 13 0.31 22.34 -31.15
N ARG A 14 -0.68 23.20 -31.39
CA ARG A 14 -0.96 23.75 -32.72
C ARG A 14 -0.74 25.25 -32.58
N PRO A 15 0.52 25.72 -32.42
CA PRO A 15 0.83 27.15 -32.27
C PRO A 15 0.17 28.01 -33.35
N GLY A 16 -0.80 28.84 -32.95
CA GLY A 16 -1.47 29.69 -33.92
C GLY A 16 -2.65 29.03 -34.62
N ARG A 17 -2.96 27.81 -34.20
CA ARG A 17 -4.06 27.06 -34.79
C ARG A 17 -4.95 26.42 -33.74
N GLY A 18 -5.26 27.20 -32.70
CA GLY A 18 -6.14 26.71 -31.65
C GLY A 18 -5.41 26.05 -30.51
N GLU A 19 -6.20 25.53 -29.56
CA GLU A 19 -5.65 24.85 -28.41
C GLU A 19 -5.04 23.52 -28.89
N PRO A 20 -4.07 22.98 -28.14
CA PRO A 20 -3.42 21.72 -28.50
C PRO A 20 -4.43 20.58 -28.72
N ARG A 21 -4.08 19.64 -29.61
CA ARG A 21 -4.98 18.52 -29.82
C ARG A 21 -4.63 17.44 -28.82
N PHE A 22 -5.67 16.90 -28.18
CA PHE A 22 -5.53 15.86 -27.20
C PHE A 22 -6.28 14.59 -27.60
N ILE A 23 -5.58 13.45 -27.60
CA ILE A 23 -6.18 12.16 -27.91
C ILE A 23 -5.90 11.23 -26.74
N ALA A 24 -6.96 10.57 -26.27
CA ALA A 24 -6.83 9.62 -25.18
C ALA A 24 -7.49 8.31 -25.56
N VAL A 25 -6.82 7.20 -25.33
CA VAL A 25 -7.38 5.88 -25.63
C VAL A 25 -7.09 4.88 -24.51
N GLY A 26 -8.02 3.95 -24.31
CA GLY A 26 -7.86 2.95 -23.27
C GLY A 26 -7.88 1.55 -23.83
N TYR A 27 -7.01 0.69 -23.31
CA TYR A 27 -6.90 -0.71 -23.74
C TYR A 27 -6.88 -1.71 -22.61
N VAL A 28 -7.45 -2.89 -22.87
CA VAL A 28 -7.44 -4.03 -21.95
C VAL A 28 -6.80 -5.06 -22.86
N ASP A 29 -5.56 -5.42 -22.56
CA ASP A 29 -4.82 -6.34 -23.41
C ASP A 29 -4.70 -5.65 -24.78
N ASP A 30 -5.10 -6.34 -25.84
CA ASP A 30 -5.03 -5.75 -27.16
C ASP A 30 -6.35 -5.19 -27.68
N THR A 31 -7.28 -4.90 -26.77
CA THR A 31 -8.58 -4.37 -27.17
C THR A 31 -8.85 -2.96 -26.64
N GLN A 32 -9.00 -2.02 -27.57
CA GLN A 32 -9.28 -0.63 -27.21
C GLN A 32 -10.74 -0.63 -26.74
N PHE A 33 -11.05 0.13 -25.69
CA PHE A 33 -12.42 0.16 -25.21
C PHE A 33 -13.00 1.57 -25.06
N VAL A 34 -12.14 2.58 -25.01
CA VAL A 34 -12.58 3.98 -24.88
C VAL A 34 -11.66 4.92 -25.61
N ARG A 35 -12.15 6.14 -25.81
CA ARG A 35 -11.37 7.16 -26.45
C ARG A 35 -11.99 8.53 -26.32
N PHE A 36 -11.13 9.54 -26.29
CA PHE A 36 -11.54 10.91 -26.23
C PHE A 36 -10.69 11.66 -27.26
N ASP A 37 -11.32 12.53 -28.03
CA ASP A 37 -10.65 13.33 -29.03
C ASP A 37 -11.13 14.76 -28.81
N SER A 38 -10.20 15.65 -28.47
CA SER A 38 -10.55 17.05 -28.23
C SER A 38 -11.12 17.75 -29.47
N ASP A 39 -10.74 17.29 -30.66
CA ASP A 39 -11.24 17.91 -31.87
C ASP A 39 -12.62 17.39 -32.22
N ALA A 40 -13.05 16.32 -31.54
CA ALA A 40 -14.34 15.69 -31.81
C ALA A 40 -15.56 16.51 -31.38
N ALA A 41 -16.67 16.29 -32.07
CA ALA A 41 -17.90 17.03 -31.80
C ALA A 41 -18.64 16.77 -30.48
N SER A 42 -18.54 15.55 -29.95
CA SER A 42 -19.25 15.19 -28.73
C SER A 42 -18.67 15.74 -27.43
N GLN A 43 -17.34 15.70 -27.34
CA GLN A 43 -16.62 16.14 -26.15
C GLN A 43 -16.88 15.21 -24.97
N ARG A 44 -17.08 13.94 -25.29
CA ARG A 44 -17.35 12.92 -24.28
C ARG A 44 -16.39 11.75 -24.49
N MET A 45 -16.12 11.02 -23.40
CA MET A 45 -15.31 9.81 -23.49
C MET A 45 -16.32 8.91 -24.21
N GLU A 46 -15.88 8.18 -25.23
CA GLU A 46 -16.77 7.32 -26.00
C GLU A 46 -16.35 5.86 -25.95
N PRO A 47 -17.34 4.94 -26.06
CA PRO A 47 -17.11 3.48 -26.04
C PRO A 47 -16.52 3.00 -27.37
N ARG A 48 -15.61 2.05 -27.31
CA ARG A 48 -14.99 1.51 -28.52
C ARG A 48 -15.12 0.00 -28.57
N ALA A 49 -15.62 -0.58 -27.49
CA ALA A 49 -15.82 -2.01 -27.39
C ALA A 49 -17.28 -2.17 -27.00
N PRO A 50 -17.90 -3.32 -27.36
CA PRO A 50 -19.31 -3.55 -27.04
C PRO A 50 -19.56 -3.65 -25.52
N TRP A 51 -18.70 -4.37 -24.83
CA TRP A 51 -18.84 -4.58 -23.40
C TRP A 51 -18.78 -3.34 -22.50
N ILE A 52 -18.39 -2.20 -23.04
CA ILE A 52 -18.31 -0.99 -22.22
C ILE A 52 -19.50 -0.04 -22.49
N GLU A 53 -20.24 -0.31 -23.55
CA GLU A 53 -21.37 0.53 -23.93
C GLU A 53 -22.49 0.57 -22.88
N GLN A 54 -22.68 -0.54 -22.17
CA GLN A 54 -23.74 -0.59 -21.18
C GLN A 54 -23.33 -0.30 -19.72
N GLU A 55 -22.29 0.53 -19.56
CA GLU A 55 -21.79 0.89 -18.24
C GLU A 55 -22.70 1.85 -17.46
N GLY A 56 -23.38 2.75 -18.15
CA GLY A 56 -24.27 3.69 -17.45
C GLY A 56 -23.76 5.12 -17.45
N PRO A 57 -24.67 6.12 -17.41
CA PRO A 57 -24.25 7.52 -17.41
C PRO A 57 -23.29 7.95 -16.31
N GLU A 58 -23.36 7.33 -15.13
CA GLU A 58 -22.44 7.72 -14.05
C GLU A 58 -21.01 7.45 -14.49
N TYR A 59 -20.80 6.29 -15.13
CA TYR A 59 -19.46 5.90 -15.62
C TYR A 59 -18.95 6.89 -16.70
N TRP A 60 -19.79 7.10 -17.72
CA TRP A 60 -19.49 7.97 -18.83
C TRP A 60 -19.28 9.42 -18.45
N ASP A 61 -20.11 9.94 -17.57
CA ASP A 61 -19.97 11.31 -17.10
C ASP A 61 -18.69 11.42 -16.27
N GLY A 62 -18.48 10.47 -15.37
CA GLY A 62 -17.26 10.47 -14.57
C GLY A 62 -15.98 10.42 -15.41
N GLU A 63 -15.93 9.52 -16.38
CA GLU A 63 -14.76 9.40 -17.24
C GLU A 63 -14.60 10.61 -18.14
N THR A 64 -15.72 11.13 -18.64
CA THR A 64 -15.67 12.32 -19.49
C THR A 64 -15.04 13.44 -18.67
N ARG A 65 -15.51 13.58 -17.43
CA ARG A 65 -15.04 14.58 -16.47
C ARG A 65 -13.54 14.50 -16.30
N LYS A 66 -13.08 13.31 -15.93
CA LYS A 66 -11.66 13.04 -15.70
C LYS A 66 -10.75 13.15 -16.94
N VAL A 67 -11.27 12.72 -18.09
CA VAL A 67 -10.48 12.81 -19.30
C VAL A 67 -10.30 14.28 -19.72
N LYS A 68 -11.34 15.09 -19.52
CA LYS A 68 -11.29 16.52 -19.84
C LYS A 68 -10.21 17.12 -18.95
N ALA A 69 -10.21 16.68 -17.70
CA ALA A 69 -9.24 17.12 -16.71
C ALA A 69 -7.82 16.73 -17.16
N HIS A 70 -7.70 15.58 -17.82
CA HIS A 70 -6.39 15.15 -18.32
C HIS A 70 -5.97 16.10 -19.42
N SER A 71 -6.95 16.50 -20.22
CA SER A 71 -6.72 17.42 -21.31
C SER A 71 -6.15 18.74 -20.80
N GLN A 72 -6.85 19.36 -19.85
CA GLN A 72 -6.45 20.64 -19.26
C GLN A 72 -5.06 20.58 -18.61
N THR A 73 -4.74 19.42 -18.03
CA THR A 73 -3.44 19.24 -17.41
C THR A 73 -2.35 19.23 -18.49
N HIS A 74 -2.56 18.46 -19.55
CA HIS A 74 -1.56 18.34 -20.62
C HIS A 74 -1.33 19.61 -21.38
N ARG A 75 -2.38 20.43 -21.44
CA ARG A 75 -2.34 21.72 -22.11
C ARG A 75 -1.32 22.59 -21.37
N VAL A 76 -1.40 22.59 -20.04
CA VAL A 76 -0.49 23.36 -19.21
C VAL A 76 0.90 22.74 -19.26
N ASP A 77 0.94 21.42 -19.33
CA ASP A 77 2.21 20.70 -19.41
C ASP A 77 3.05 21.09 -20.62
N LEU A 78 2.41 21.34 -21.76
CA LEU A 78 3.08 21.75 -22.98
C LEU A 78 3.80 23.08 -22.77
N GLY A 79 3.09 24.03 -22.15
CA GLY A 79 3.65 25.33 -21.85
C GLY A 79 4.83 25.18 -20.91
N THR A 80 4.64 24.44 -19.81
CA THR A 80 5.68 24.19 -18.83
C THR A 80 6.99 23.73 -19.48
N LEU A 81 6.87 22.75 -20.36
CA LEU A 81 8.01 22.21 -21.06
C LEU A 81 8.62 23.07 -22.14
N ARG A 82 7.83 23.86 -22.86
CA ARG A 82 8.43 24.74 -23.88
C ARG A 82 9.32 25.69 -23.08
N GLY A 83 8.85 26.00 -21.87
CA GLY A 83 9.60 26.85 -20.97
C GLY A 83 10.84 26.15 -20.44
N TYR A 84 10.66 24.96 -19.88
CA TYR A 84 11.77 24.18 -19.33
C TYR A 84 12.92 24.00 -20.32
N TYR A 85 12.59 23.86 -21.60
CA TYR A 85 13.61 23.65 -22.63
C TYR A 85 14.00 24.88 -23.45
N ASN A 86 13.44 26.04 -23.13
CA ASN A 86 13.76 27.28 -23.86
C ASN A 86 13.37 27.24 -25.34
N GLN A 87 12.21 26.67 -25.66
CA GLN A 87 11.78 26.58 -27.06
C GLN A 87 10.90 27.75 -27.41
N SER A 88 10.69 27.97 -28.71
CA SER A 88 9.87 29.09 -29.18
C SER A 88 8.38 28.78 -29.17
N GLU A 89 7.56 29.84 -29.26
CA GLU A 89 6.11 29.70 -29.29
C GLU A 89 5.63 29.28 -30.67
N ALA A 90 6.56 29.18 -31.62
CA ALA A 90 6.18 28.82 -32.97
C ALA A 90 6.01 27.31 -33.18
N GLY A 91 6.97 26.55 -32.68
CA GLY A 91 6.95 25.11 -32.86
C GLY A 91 5.86 24.27 -32.22
N SER A 92 5.55 23.17 -32.90
CA SER A 92 4.57 22.20 -32.45
C SER A 92 5.34 21.19 -31.60
N HIS A 93 4.80 20.82 -30.45
CA HIS A 93 5.48 19.86 -29.59
C HIS A 93 4.53 18.76 -29.12
N THR A 94 5.10 17.68 -28.59
CA THR A 94 4.31 16.52 -28.14
C THR A 94 4.55 16.01 -26.71
N VAL A 95 3.47 15.85 -25.96
CA VAL A 95 3.52 15.28 -24.60
C VAL A 95 2.80 13.93 -24.71
N GLN A 96 3.41 12.89 -24.15
CA GLN A 96 2.80 11.57 -24.16
C GLN A 96 2.82 11.03 -22.75
N ARG A 97 1.66 10.59 -22.26
CA ARG A 97 1.56 10.02 -20.92
C ARG A 97 0.96 8.62 -21.02
N MET A 98 1.47 7.70 -20.22
CA MET A 98 0.95 6.35 -20.25
C MET A 98 0.95 5.77 -18.86
N TYR A 99 -0.21 5.29 -18.45
CA TYR A 99 -0.33 4.65 -17.16
C TYR A 99 -1.24 3.43 -17.27
N GLY A 100 -1.01 2.43 -16.43
CA GLY A 100 -1.81 1.23 -16.51
C GLY A 100 -1.27 0.21 -15.55
N CYS A 101 -1.80 -1.01 -15.61
CA CYS A 101 -1.37 -2.07 -14.70
C CYS A 101 -1.46 -3.46 -15.32
N ASP A 102 -0.61 -4.35 -14.83
CA ASP A 102 -0.53 -5.74 -15.28
C ASP A 102 -0.95 -6.63 -14.13
N VAL A 103 -1.77 -7.64 -14.44
CA VAL A 103 -2.17 -8.65 -13.44
C VAL A 103 -1.70 -9.99 -13.99
N GLY A 104 -1.30 -10.89 -13.09
CA GLY A 104 -0.85 -12.21 -13.51
C GLY A 104 -1.96 -13.20 -13.82
N SER A 105 -1.56 -14.45 -14.02
CA SER A 105 -2.46 -15.55 -14.34
C SER A 105 -3.51 -15.74 -13.25
N ASP A 106 -3.13 -15.34 -12.05
CA ASP A 106 -3.99 -15.41 -10.87
C ASP A 106 -4.79 -14.12 -10.64
N TRP A 107 -4.77 -13.23 -11.63
CA TRP A 107 -5.47 -11.94 -11.57
C TRP A 107 -5.05 -10.98 -10.42
N ARG A 108 -3.89 -11.20 -9.78
CA ARG A 108 -3.41 -10.30 -8.72
C ARG A 108 -2.47 -9.25 -9.34
N PHE A 109 -2.33 -8.10 -8.67
CA PHE A 109 -1.45 -7.02 -9.16
C PHE A 109 -0.06 -7.56 -9.47
N LEU A 110 0.49 -7.13 -10.60
CA LEU A 110 1.82 -7.57 -11.01
C LEU A 110 2.74 -6.36 -11.21
N ARG A 111 2.33 -5.45 -12.09
CA ARG A 111 3.12 -4.25 -12.39
C ARG A 111 2.26 -3.02 -12.61
N GLY A 112 2.82 -1.86 -12.26
CA GLY A 112 2.13 -0.59 -12.44
C GLY A 112 3.03 0.28 -13.29
N TYR A 113 2.45 1.21 -14.04
CA TYR A 113 3.22 2.10 -14.91
C TYR A 113 2.60 3.46 -14.90
N HIS A 114 3.46 4.47 -15.04
CA HIS A 114 3.07 5.87 -15.12
C HIS A 114 4.30 6.61 -15.65
N GLN A 115 4.23 7.11 -16.88
CA GLN A 115 5.38 7.79 -17.43
C GLN A 115 5.01 8.75 -18.53
N TYR A 116 5.94 9.66 -18.81
CA TYR A 116 5.77 10.69 -19.82
C TYR A 116 6.98 10.75 -20.75
N ALA A 117 6.73 11.28 -21.94
CA ALA A 117 7.75 11.50 -22.97
C ALA A 117 7.45 12.87 -23.56
N TYR A 118 8.52 13.60 -23.86
CA TYR A 118 8.42 14.91 -24.49
C TYR A 118 9.08 14.79 -25.84
N ASP A 119 8.34 15.13 -26.88
CA ASP A 119 8.86 15.05 -28.25
C ASP A 119 9.53 13.71 -28.56
N GLY A 120 8.89 12.63 -28.10
CA GLY A 120 9.34 11.26 -28.32
C GLY A 120 10.50 10.78 -27.49
N LYS A 121 10.87 11.57 -26.48
CA LYS A 121 12.01 11.25 -25.63
C LYS A 121 11.52 11.15 -24.20
N ASP A 122 11.90 10.08 -23.50
CA ASP A 122 11.50 9.87 -22.11
C ASP A 122 11.75 11.11 -21.26
N TYR A 123 10.73 11.50 -20.49
CA TYR A 123 10.80 12.66 -19.61
C TYR A 123 10.93 12.20 -18.16
N ILE A 124 9.92 11.50 -17.66
CA ILE A 124 9.93 11.01 -16.28
C ILE A 124 9.16 9.72 -16.21
N ALA A 125 9.57 8.83 -15.31
CA ALA A 125 8.89 7.55 -15.19
C ALA A 125 8.85 7.07 -13.75
N LEU A 126 7.71 6.50 -13.36
CA LEU A 126 7.55 5.95 -12.02
C LEU A 126 8.26 4.60 -12.09
N LYS A 127 9.19 4.36 -11.16
CA LYS A 127 9.91 3.09 -11.14
C LYS A 127 9.06 1.88 -10.72
N GLU A 128 9.57 0.69 -11.01
CA GLU A 128 8.87 -0.56 -10.69
C GLU A 128 8.43 -0.67 -9.24
N ASP A 129 9.28 -0.22 -8.31
CA ASP A 129 8.91 -0.30 -6.90
C ASP A 129 7.75 0.64 -6.56
N LEU A 130 7.36 1.45 -7.53
CA LEU A 130 6.27 2.40 -7.37
C LEU A 130 6.52 3.38 -6.22
N ARG A 131 7.78 3.55 -5.83
CA ARG A 131 8.17 4.46 -4.74
C ARG A 131 9.14 5.55 -5.21
N SER A 132 9.86 5.28 -6.30
CA SER A 132 10.84 6.23 -6.82
C SER A 132 10.59 6.65 -8.26
N TRP A 133 11.44 7.53 -8.78
CA TRP A 133 11.29 8.05 -10.13
C TRP A 133 12.57 8.03 -10.92
N THR A 134 12.48 7.78 -12.22
CA THR A 134 13.64 7.81 -13.09
C THR A 134 13.46 9.11 -13.86
N ALA A 135 14.27 10.10 -13.52
CA ALA A 135 14.18 11.40 -14.15
C ALA A 135 15.22 11.50 -15.25
N ALA A 136 14.76 11.81 -16.45
CA ALA A 136 15.66 11.91 -17.60
C ALA A 136 16.72 13.02 -17.54
N ASP A 137 16.40 14.14 -18.14
CA ASP A 137 17.30 15.28 -18.23
C ASP A 137 17.36 16.19 -17.01
N MET A 138 18.01 17.34 -17.17
CA MET A 138 18.14 18.30 -16.08
C MET A 138 16.76 18.88 -15.82
N ALA A 139 16.01 19.11 -16.89
CA ALA A 139 14.65 19.65 -16.78
C ALA A 139 13.71 18.74 -15.98
N ALA A 140 13.77 17.44 -16.23
CA ALA A 140 12.93 16.49 -15.54
C ALA A 140 13.18 16.48 -14.03
N GLN A 141 14.36 16.96 -13.63
CA GLN A 141 14.73 16.99 -12.22
C GLN A 141 13.79 17.86 -11.40
N THR A 142 13.40 18.98 -12.00
CA THR A 142 12.47 19.90 -11.36
C THR A 142 11.22 19.10 -11.03
N THR A 143 10.72 18.40 -12.04
CA THR A 143 9.53 17.59 -11.91
C THR A 143 9.68 16.49 -10.86
N LYS A 144 10.79 15.76 -10.91
CA LYS A 144 11.04 14.68 -9.96
C LYS A 144 11.06 15.20 -8.52
N HIS A 145 11.80 16.28 -8.31
CA HIS A 145 11.91 16.89 -7.00
C HIS A 145 10.53 17.33 -6.53
N LYS A 146 9.78 17.93 -7.44
CA LYS A 146 8.45 18.40 -7.12
C LYS A 146 7.53 17.25 -6.70
N TRP A 147 7.54 16.19 -7.49
CA TRP A 147 6.71 15.03 -7.24
C TRP A 147 7.08 14.25 -5.98
N GLU A 148 8.37 14.27 -5.64
CA GLU A 148 8.86 13.59 -4.45
C GLU A 148 8.38 14.38 -3.24
N ALA A 149 8.51 15.71 -3.31
CA ALA A 149 8.09 16.60 -2.24
C ALA A 149 6.60 16.42 -1.96
N ALA A 150 5.80 16.39 -3.01
CA ALA A 150 4.35 16.25 -2.87
C ALA A 150 3.85 14.83 -2.61
N HIS A 151 4.76 13.85 -2.58
CA HIS A 151 4.39 12.45 -2.35
C HIS A 151 3.40 11.92 -3.38
N VAL A 152 3.73 12.17 -4.63
CA VAL A 152 2.90 11.75 -5.75
C VAL A 152 2.91 10.25 -5.93
N ALA A 153 4.05 9.63 -5.64
CA ALA A 153 4.20 8.20 -5.81
C ALA A 153 3.19 7.35 -5.05
N GLU A 154 3.05 7.64 -3.76
CA GLU A 154 2.13 6.89 -2.90
C GLU A 154 0.70 6.99 -3.42
N GLN A 155 0.35 8.16 -3.94
CA GLN A 155 -0.98 8.38 -4.47
C GLN A 155 -1.16 7.54 -5.75
N LEU A 156 -0.10 7.44 -6.54
CA LEU A 156 -0.13 6.66 -7.77
C LEU A 156 -0.17 5.17 -7.45
N ARG A 157 0.62 4.76 -6.47
CA ARG A 157 0.68 3.37 -6.02
C ARG A 157 -0.72 2.90 -5.65
N ALA A 158 -1.44 3.70 -4.88
CA ALA A 158 -2.81 3.37 -4.45
C ALA A 158 -3.75 3.07 -5.63
N TYR A 159 -3.66 3.88 -6.69
CA TYR A 159 -4.50 3.66 -7.86
C TYR A 159 -4.09 2.41 -8.62
N LEU A 160 -2.81 2.28 -8.95
CA LEU A 160 -2.30 1.13 -9.71
C LEU A 160 -2.58 -0.19 -9.00
N GLU A 161 -2.37 -0.23 -7.69
CA GLU A 161 -2.60 -1.45 -6.95
C GLU A 161 -4.08 -1.66 -6.56
N GLY A 162 -4.85 -0.57 -6.57
CA GLY A 162 -6.25 -0.65 -6.22
C GLY A 162 -7.17 -0.52 -7.42
N THR A 163 -7.68 0.69 -7.62
CA THR A 163 -8.60 0.97 -8.72
C THR A 163 -8.27 0.37 -10.09
N CYS A 164 -7.00 0.45 -10.50
CA CYS A 164 -6.58 -0.04 -11.81
C CYS A 164 -6.85 -1.53 -11.96
N VAL A 165 -6.33 -2.31 -11.02
CA VAL A 165 -6.50 -3.75 -11.01
C VAL A 165 -7.97 -4.15 -10.80
N GLU A 166 -8.66 -3.43 -9.92
CA GLU A 166 -10.07 -3.71 -9.65
C GLU A 166 -10.94 -3.52 -10.89
N TRP A 167 -10.76 -2.41 -11.61
CA TRP A 167 -11.56 -2.17 -12.80
C TRP A 167 -11.18 -3.07 -13.96
N LEU A 168 -9.92 -3.46 -14.02
CA LEU A 168 -9.44 -4.38 -15.05
C LEU A 168 -10.20 -5.69 -14.89
N ARG A 169 -10.25 -6.22 -13.67
CA ARG A 169 -10.97 -7.47 -13.38
C ARG A 169 -12.43 -7.33 -13.76
N ARG A 170 -13.03 -6.20 -13.39
CA ARG A 170 -14.42 -5.92 -13.73
C ARG A 170 -14.60 -5.95 -15.24
N TYR A 171 -13.71 -5.29 -15.98
CA TYR A 171 -13.79 -5.27 -17.44
C TYR A 171 -13.61 -6.68 -18.00
N LEU A 172 -12.67 -7.43 -17.44
CA LEU A 172 -12.40 -8.80 -17.86
C LEU A 172 -13.70 -9.59 -17.76
N GLU A 173 -14.41 -9.41 -16.64
CA GLU A 173 -15.70 -10.08 -16.39
C GLU A 173 -16.78 -9.55 -17.33
N ASN A 174 -16.92 -8.24 -17.38
CA ASN A 174 -17.91 -7.59 -18.22
C ASN A 174 -17.80 -8.10 -19.63
N GLY A 175 -16.58 -8.12 -20.14
CA GLY A 175 -16.37 -8.55 -21.50
C GLY A 175 -15.70 -9.90 -21.64
N LYS A 176 -16.09 -10.86 -20.83
CA LYS A 176 -15.50 -12.19 -20.85
C LYS A 176 -15.40 -12.86 -22.21
N GLU A 177 -16.47 -12.82 -23.02
CA GLU A 177 -16.42 -13.50 -24.33
C GLU A 177 -15.41 -12.96 -25.32
N THR A 178 -15.05 -11.69 -25.20
CA THR A 178 -14.07 -11.12 -26.10
C THR A 178 -12.71 -11.21 -25.42
N LEU A 179 -12.60 -10.53 -24.28
CA LEU A 179 -11.37 -10.46 -23.53
C LEU A 179 -10.80 -11.77 -23.05
N GLN A 180 -11.67 -12.69 -22.63
CA GLN A 180 -11.21 -13.97 -22.14
C GLN A 180 -11.18 -15.07 -23.21
N ARG A 181 -11.22 -14.63 -24.47
CA ARG A 181 -11.17 -15.51 -25.63
C ARG A 181 -9.74 -15.51 -26.19
N THR A 182 -9.45 -16.47 -27.06
CA THR A 182 -8.18 -16.57 -27.78
C THR A 182 -8.58 -17.12 -29.13
N ASP A 183 -8.17 -16.47 -30.21
CA ASP A 183 -8.46 -16.95 -31.55
C ASP A 183 -7.16 -17.51 -32.10
N ALA A 184 -7.15 -18.79 -32.45
CA ALA A 184 -5.95 -19.39 -32.98
C ALA A 184 -5.79 -18.84 -34.39
N PRO A 185 -4.53 -18.69 -34.86
CA PRO A 185 -4.26 -18.19 -36.21
C PRO A 185 -4.63 -19.17 -37.30
N LYS A 186 -5.10 -18.63 -38.42
CA LYS A 186 -5.43 -19.43 -39.58
C LYS A 186 -4.15 -19.35 -40.39
N THR A 187 -3.49 -20.48 -40.56
CA THR A 187 -2.24 -20.53 -41.28
C THR A 187 -2.30 -21.05 -42.71
N HIS A 188 -1.36 -20.58 -43.52
CA HIS A 188 -1.26 -21.04 -44.90
C HIS A 188 0.07 -20.58 -45.47
N MET A 189 0.45 -21.19 -46.58
CA MET A 189 1.73 -20.91 -47.19
C MET A 189 1.56 -20.59 -48.66
N THR A 190 2.37 -19.66 -49.14
CA THR A 190 2.35 -19.26 -50.55
C THR A 190 3.75 -19.43 -51.17
N HIS A 191 3.78 -19.84 -52.43
CA HIS A 191 5.02 -20.09 -53.14
C HIS A 191 5.04 -19.14 -54.33
N HIS A 192 6.11 -18.36 -54.50
CA HIS A 192 6.21 -17.43 -55.64
C HIS A 192 7.54 -17.61 -56.32
N ALA A 193 7.54 -17.80 -57.64
CA ALA A 193 8.78 -17.98 -58.41
C ALA A 193 9.54 -16.66 -58.47
N VAL A 194 10.81 -16.71 -58.10
CA VAL A 194 11.66 -15.51 -58.12
C VAL A 194 12.47 -15.53 -59.39
N SER A 195 13.40 -16.47 -59.47
CA SER A 195 14.23 -16.63 -60.65
C SER A 195 13.90 -18.00 -61.26
N ASP A 196 14.95 -18.71 -61.68
CA ASP A 196 14.86 -20.03 -62.29
C ASP A 196 15.33 -21.07 -61.26
N HIS A 197 15.85 -20.58 -60.14
CA HIS A 197 16.39 -21.45 -59.11
C HIS A 197 16.09 -20.92 -57.72
N GLU A 198 15.13 -20.03 -57.61
CA GLU A 198 14.76 -19.45 -56.32
C GLU A 198 13.28 -19.15 -56.26
N ALA A 199 12.70 -19.35 -55.09
CA ALA A 199 11.28 -19.06 -54.89
C ALA A 199 11.06 -18.60 -53.46
N THR A 200 10.05 -17.77 -53.28
CA THR A 200 9.74 -17.26 -51.97
C THR A 200 8.65 -18.10 -51.32
N LEU A 201 8.92 -18.58 -50.11
CA LEU A 201 7.95 -19.36 -49.36
C LEU A 201 7.50 -18.45 -48.22
N ARG A 202 6.23 -18.11 -48.19
CA ARG A 202 5.74 -17.22 -47.14
C ARG A 202 4.72 -17.93 -46.25
N CYS A 203 4.95 -17.85 -44.95
CA CYS A 203 4.10 -18.48 -43.96
C CYS A 203 3.17 -17.46 -43.29
N TRP A 204 1.86 -17.66 -43.44
CA TRP A 204 0.84 -16.77 -42.89
C TRP A 204 0.15 -17.18 -41.58
N ALA A 205 -0.17 -16.16 -40.78
CA ALA A 205 -0.88 -16.30 -39.51
C ALA A 205 -1.99 -15.24 -39.61
N LEU A 206 -3.24 -15.68 -39.73
CA LEU A 206 -4.36 -14.74 -39.86
C LEU A 206 -5.48 -14.91 -38.83
N SER A 207 -6.16 -13.82 -38.54
CA SER A 207 -7.31 -13.82 -37.64
C SER A 207 -7.06 -14.37 -36.23
N PHE A 208 -5.98 -13.93 -35.60
CA PHE A 208 -5.68 -14.41 -34.26
C PHE A 208 -5.77 -13.33 -33.19
N TYR A 209 -6.02 -13.79 -31.98
CA TYR A 209 -6.09 -12.91 -30.84
C TYR A 209 -5.69 -13.74 -29.65
N PRO A 210 -4.85 -13.21 -28.72
CA PRO A 210 -4.28 -11.86 -28.73
C PRO A 210 -3.12 -11.71 -29.73
N ALA A 211 -2.57 -10.50 -29.79
CA ALA A 211 -1.52 -10.18 -30.72
C ALA A 211 -0.19 -10.94 -30.57
N GLU A 212 0.13 -11.46 -29.38
CA GLU A 212 1.39 -12.19 -29.19
C GLU A 212 1.42 -13.45 -30.04
N ILE A 213 2.54 -13.65 -30.73
CA ILE A 213 2.76 -14.82 -31.61
C ILE A 213 4.21 -14.97 -32.01
N THR A 214 4.64 -16.21 -32.24
CA THR A 214 5.99 -16.51 -32.68
C THR A 214 5.90 -17.27 -33.98
N LEU A 215 6.35 -16.62 -35.06
CA LEU A 215 6.34 -17.19 -36.40
C LEU A 215 7.80 -17.28 -36.88
N THR A 216 8.30 -18.51 -37.08
CA THR A 216 9.70 -18.71 -37.52
C THR A 216 9.87 -19.82 -38.56
N TRP A 217 10.93 -19.73 -39.36
CA TRP A 217 11.23 -20.74 -40.37
C TRP A 217 12.47 -21.53 -39.96
N GLN A 218 12.56 -22.78 -40.44
CA GLN A 218 13.72 -23.64 -40.17
C GLN A 218 14.09 -24.41 -41.43
N ARG A 219 15.37 -24.76 -41.55
CA ARG A 219 15.85 -25.53 -42.68
C ARG A 219 16.54 -26.67 -41.96
N ASP A 220 16.16 -27.91 -42.23
CA ASP A 220 16.76 -29.07 -41.56
C ASP A 220 16.73 -28.89 -40.04
N GLY A 221 15.68 -28.21 -39.59
CA GLY A 221 15.48 -27.94 -38.18
C GLY A 221 16.49 -26.99 -37.59
N GLU A 222 17.15 -26.21 -38.44
CA GLU A 222 18.17 -25.25 -37.99
C GLU A 222 17.51 -23.89 -38.07
N ASP A 223 17.88 -23.00 -37.17
CA ASP A 223 17.36 -21.64 -37.19
C ASP A 223 17.66 -20.99 -38.53
N GLN A 224 16.82 -20.05 -38.91
CA GLN A 224 16.98 -19.35 -40.18
C GLN A 224 16.60 -17.91 -39.96
N THR A 225 16.78 -17.48 -38.72
CA THR A 225 16.44 -16.13 -38.28
C THR A 225 16.95 -14.99 -39.17
N GLN A 226 18.26 -14.98 -39.40
CA GLN A 226 18.89 -13.95 -40.21
C GLN A 226 18.46 -13.98 -41.66
N ASP A 227 17.87 -15.10 -42.09
CA ASP A 227 17.45 -15.27 -43.48
C ASP A 227 15.94 -15.13 -43.67
N THR A 228 15.24 -14.74 -42.62
CA THR A 228 13.79 -14.61 -42.69
C THR A 228 13.23 -13.20 -42.70
N GLU A 229 12.45 -12.83 -43.70
CA GLU A 229 11.82 -11.51 -43.65
C GLU A 229 10.57 -11.73 -42.80
N LEU A 230 10.46 -10.98 -41.72
CA LEU A 230 9.35 -11.12 -40.79
C LEU A 230 8.69 -9.78 -40.57
N VAL A 231 7.46 -9.58 -41.02
CA VAL A 231 6.80 -8.29 -40.80
C VAL A 231 6.26 -8.09 -39.40
N GLU A 232 5.92 -6.83 -39.13
CA GLU A 232 5.37 -6.42 -37.84
C GLU A 232 3.91 -6.88 -37.80
N THR A 233 3.53 -7.47 -36.68
CA THR A 233 2.16 -7.94 -36.47
C THR A 233 1.26 -6.73 -36.75
N ARG A 234 0.24 -6.93 -37.58
CA ARG A 234 -0.64 -5.86 -37.97
C ARG A 234 -2.10 -6.15 -37.67
N PRO A 235 -2.90 -5.10 -37.44
CA PRO A 235 -4.32 -5.24 -37.14
C PRO A 235 -5.19 -5.44 -38.39
N ALA A 236 -5.99 -6.49 -38.40
CA ALA A 236 -6.89 -6.75 -39.53
C ALA A 236 -7.99 -5.69 -39.59
N GLY A 237 -8.26 -5.08 -38.44
CA GLY A 237 -9.26 -4.05 -38.36
C GLY A 237 -10.57 -4.51 -37.75
N ASP A 238 -10.69 -5.81 -37.50
CA ASP A 238 -11.90 -6.38 -36.90
C ASP A 238 -11.64 -6.92 -35.51
N GLY A 239 -10.53 -6.51 -34.91
CA GLY A 239 -10.18 -7.01 -33.59
C GLY A 239 -9.08 -8.08 -33.63
N THR A 240 -8.84 -8.70 -34.80
CA THR A 240 -7.78 -9.70 -34.90
C THR A 240 -6.51 -9.13 -35.54
N PHE A 241 -5.46 -9.93 -35.55
CA PHE A 241 -4.18 -9.52 -36.11
C PHE A 241 -3.68 -10.47 -37.20
N GLN A 242 -2.66 -10.02 -37.93
CA GLN A 242 -2.07 -10.79 -39.01
C GLN A 242 -0.55 -10.67 -38.90
N LYS A 243 0.14 -11.62 -39.52
CA LYS A 243 1.61 -11.62 -39.53
C LYS A 243 2.12 -12.67 -40.52
N TRP A 244 3.25 -12.37 -41.17
CA TRP A 244 3.87 -13.31 -42.09
C TRP A 244 5.39 -13.35 -42.01
N ALA A 245 5.95 -14.50 -42.38
CA ALA A 245 7.39 -14.71 -42.34
C ALA A 245 7.71 -15.42 -43.65
N ALA A 246 8.78 -15.00 -44.31
CA ALA A 246 9.15 -15.59 -45.59
C ALA A 246 10.61 -15.92 -45.76
N VAL A 247 10.88 -16.94 -46.56
CA VAL A 247 12.25 -17.35 -46.87
C VAL A 247 12.39 -17.54 -48.37
N VAL A 248 13.54 -17.15 -48.90
CA VAL A 248 13.82 -17.37 -50.31
C VAL A 248 14.53 -18.71 -50.33
N VAL A 249 13.84 -19.68 -50.94
CA VAL A 249 14.28 -21.07 -51.04
C VAL A 249 14.87 -21.46 -52.40
N PRO A 250 16.04 -22.12 -52.38
CA PRO A 250 16.66 -22.55 -53.64
C PRO A 250 15.78 -23.67 -54.15
N SER A 251 15.33 -23.56 -55.39
CA SER A 251 14.45 -24.57 -55.99
C SER A 251 14.93 -25.99 -55.70
N GLY A 252 13.98 -26.84 -55.32
CA GLY A 252 14.31 -28.22 -55.00
C GLY A 252 14.53 -28.40 -53.51
N GLN A 253 14.62 -27.31 -52.77
CA GLN A 253 14.84 -27.41 -51.34
C GLN A 253 13.62 -27.12 -50.45
N GLU A 254 12.43 -27.00 -51.06
CA GLU A 254 11.20 -26.71 -50.29
C GLU A 254 11.04 -27.64 -49.09
N GLN A 255 11.14 -28.93 -49.38
CA GLN A 255 11.06 -29.97 -48.36
C GLN A 255 11.95 -29.77 -47.12
N ARG A 256 13.03 -29.00 -47.24
CA ARG A 256 13.93 -28.76 -46.12
C ARG A 256 13.39 -27.74 -45.10
N TYR A 257 12.43 -26.94 -45.53
CA TYR A 257 11.90 -25.89 -44.67
C TYR A 257 10.60 -26.16 -43.93
N THR A 258 10.58 -25.74 -42.67
CA THR A 258 9.40 -25.86 -41.83
C THR A 258 9.10 -24.51 -41.18
N CYS A 259 7.83 -24.13 -41.18
CA CYS A 259 7.42 -22.90 -40.54
C CYS A 259 6.84 -23.31 -39.19
N HIS A 260 7.17 -22.56 -38.15
CA HIS A 260 6.69 -22.87 -36.82
C HIS A 260 5.81 -21.75 -36.32
N VAL A 261 4.64 -22.11 -35.80
CA VAL A 261 3.69 -21.13 -35.29
C VAL A 261 3.35 -21.40 -33.84
N GLN A 262 3.58 -20.40 -33.00
CA GLN A 262 3.28 -20.50 -31.57
C GLN A 262 2.28 -19.42 -31.25
N HIS A 263 1.22 -19.79 -30.55
CA HIS A 263 0.19 -18.83 -30.18
C HIS A 263 -0.65 -19.37 -29.03
N GLU A 264 -1.12 -18.47 -28.17
CA GLU A 264 -1.95 -18.83 -27.01
C GLU A 264 -3.20 -19.65 -27.35
N GLY A 265 -3.81 -19.37 -28.49
CA GLY A 265 -5.01 -20.07 -28.91
C GLY A 265 -4.81 -21.41 -29.60
N LEU A 266 -3.57 -21.84 -29.76
CA LEU A 266 -3.26 -23.13 -30.39
C LEU A 266 -3.10 -24.18 -29.29
N PRO A 267 -3.70 -25.37 -29.48
CA PRO A 267 -3.60 -26.44 -28.50
C PRO A 267 -2.19 -27.00 -28.47
N LYS A 268 -1.47 -26.88 -29.59
CA LYS A 268 -0.09 -27.32 -29.73
C LYS A 268 0.51 -26.42 -30.80
N PRO A 269 1.82 -26.15 -30.72
CA PRO A 269 2.42 -25.29 -31.74
C PRO A 269 2.36 -26.03 -33.07
N LEU A 270 2.27 -25.27 -34.15
CA LEU A 270 2.21 -25.83 -35.50
C LEU A 270 3.57 -25.90 -36.17
N THR A 271 3.70 -26.88 -37.05
CA THR A 271 4.88 -27.09 -37.86
C THR A 271 4.27 -27.22 -39.24
N LEU A 272 4.53 -26.24 -40.08
CA LEU A 272 3.97 -26.23 -41.42
C LEU A 272 5.07 -26.61 -42.40
N ARG A 273 4.68 -27.16 -43.54
CA ARG A 273 5.65 -27.59 -44.51
C ARG A 273 5.06 -27.51 -45.90
N TRP A 274 5.87 -27.12 -46.85
CA TRP A 274 5.40 -27.03 -48.23
C TRP A 274 5.61 -28.39 -48.87
N GLU A 275 4.50 -29.09 -49.12
CA GLU A 275 4.54 -30.41 -49.74
C GLU A 275 3.16 -30.84 -50.20
N MET B 1 15.04 17.57 -32.78
CA MET B 1 13.93 16.72 -32.28
C MET B 1 13.90 15.35 -32.96
N ILE B 2 13.41 14.38 -32.20
CA ILE B 2 13.26 12.99 -32.66
C ILE B 2 12.25 12.93 -33.80
N GLN B 3 12.63 12.23 -34.87
CA GLN B 3 11.76 12.03 -36.03
C GLN B 3 12.01 10.60 -36.44
N ARG B 4 10.95 9.80 -36.47
CA ARG B 4 11.05 8.38 -36.87
C ARG B 4 10.16 8.12 -38.08
N THR B 5 10.70 7.40 -39.06
CA THR B 5 10.00 7.06 -40.31
C THR B 5 8.92 6.01 -40.11
N PRO B 6 7.74 6.27 -40.67
CA PRO B 6 6.65 5.30 -40.54
C PRO B 6 6.84 4.06 -41.41
N LYS B 7 6.60 2.89 -40.83
CA LYS B 7 6.66 1.65 -41.61
C LYS B 7 5.27 1.61 -42.25
N ILE B 8 5.16 0.99 -43.42
CA ILE B 8 3.87 0.95 -44.11
C ILE B 8 3.53 -0.44 -44.61
N GLN B 9 2.29 -0.85 -44.39
CA GLN B 9 1.82 -2.14 -44.88
C GLN B 9 0.43 -1.89 -45.44
N VAL B 10 0.18 -2.32 -46.66
CA VAL B 10 -1.11 -2.15 -47.31
C VAL B 10 -1.62 -3.56 -47.58
N TYR B 11 -2.81 -3.88 -47.07
CA TYR B 11 -3.36 -5.23 -47.17
C TYR B 11 -4.86 -5.22 -46.92
N SER B 12 -5.50 -6.36 -47.11
CA SER B 12 -6.93 -6.46 -46.87
C SER B 12 -7.19 -7.19 -45.56
N ARG B 13 -8.38 -6.99 -45.01
CA ARG B 13 -8.75 -7.64 -43.76
C ARG B 13 -8.87 -9.14 -43.96
N HIS B 14 -9.54 -9.55 -45.03
CA HIS B 14 -9.72 -10.96 -45.31
C HIS B 14 -9.01 -11.24 -46.62
N PRO B 15 -8.69 -12.53 -46.90
CA PRO B 15 -8.01 -12.80 -48.17
C PRO B 15 -8.88 -12.27 -49.29
N ALA B 16 -8.24 -11.64 -50.27
CA ALA B 16 -8.94 -11.03 -51.38
C ALA B 16 -9.36 -11.99 -52.46
N GLU B 17 -10.67 -12.07 -52.68
CA GLU B 17 -11.26 -12.90 -53.71
C GLU B 17 -12.18 -11.96 -54.47
N ASN B 18 -11.92 -11.83 -55.78
CA ASN B 18 -12.66 -10.93 -56.66
C ASN B 18 -14.17 -10.95 -56.54
N GLY B 19 -14.76 -9.75 -56.57
CA GLY B 19 -16.20 -9.61 -56.47
C GLY B 19 -16.80 -9.72 -55.07
N LYS B 20 -15.96 -9.89 -54.06
CA LYS B 20 -16.47 -10.00 -52.68
C LYS B 20 -16.03 -8.83 -51.81
N SER B 21 -16.94 -8.34 -50.98
CA SER B 21 -16.66 -7.18 -50.11
C SER B 21 -15.55 -7.44 -49.10
N ASN B 22 -14.71 -6.43 -48.92
CA ASN B 22 -13.57 -6.52 -48.02
C ASN B 22 -13.26 -5.11 -47.49
N PHE B 23 -12.14 -5.00 -46.80
CA PHE B 23 -11.67 -3.74 -46.25
C PHE B 23 -10.20 -3.66 -46.66
N LEU B 24 -9.84 -2.55 -47.28
CA LEU B 24 -8.46 -2.30 -47.68
C LEU B 24 -7.88 -1.53 -46.51
N ASN B 25 -6.74 -2.00 -46.02
CA ASN B 25 -6.07 -1.37 -44.89
C ASN B 25 -4.70 -0.85 -45.28
N CYS B 26 -4.25 0.16 -44.54
CA CYS B 26 -2.89 0.72 -44.69
C CYS B 26 -2.55 1.02 -43.25
N TYR B 27 -1.61 0.26 -42.71
CA TYR B 27 -1.19 0.41 -41.34
C TYR B 27 0.16 1.12 -41.27
N VAL B 28 0.19 2.25 -40.59
CA VAL B 28 1.44 3.00 -40.39
C VAL B 28 1.87 2.91 -38.94
N SER B 29 3.14 2.63 -38.73
CA SER B 29 3.66 2.49 -37.38
C SER B 29 5.12 2.92 -37.21
N GLY B 30 5.53 3.09 -35.95
CA GLY B 30 6.89 3.47 -35.63
C GLY B 30 7.30 4.86 -36.04
N PHE B 31 6.34 5.76 -36.16
CA PHE B 31 6.66 7.11 -36.57
C PHE B 31 6.59 8.16 -35.46
N HIS B 32 7.26 9.27 -35.70
CA HIS B 32 7.25 10.39 -34.76
C HIS B 32 7.81 11.59 -35.54
N PRO B 33 7.15 12.76 -35.44
CA PRO B 33 5.92 13.10 -34.70
C PRO B 33 4.65 12.50 -35.27
N SER B 34 3.53 12.85 -34.67
CA SER B 34 2.24 12.29 -35.08
C SER B 34 1.58 12.72 -36.37
N ASP B 35 1.85 13.93 -36.86
CA ASP B 35 1.19 14.32 -38.11
C ASP B 35 1.74 13.50 -39.24
N ILE B 36 0.83 12.91 -40.00
CA ILE B 36 1.19 12.05 -41.12
C ILE B 36 0.00 12.10 -42.04
N GLU B 37 0.26 11.96 -43.33
CA GLU B 37 -0.82 11.99 -44.31
C GLU B 37 -0.87 10.64 -44.97
N VAL B 38 -2.01 9.98 -44.88
CA VAL B 38 -2.18 8.66 -45.47
C VAL B 38 -3.42 8.67 -46.36
N ASP B 39 -3.22 8.31 -47.62
CA ASP B 39 -4.32 8.27 -48.61
C ASP B 39 -4.37 6.88 -49.22
N LEU B 40 -5.58 6.39 -49.49
CA LEU B 40 -5.75 5.09 -50.14
C LEU B 40 -6.14 5.41 -51.59
N LEU B 41 -5.44 4.80 -52.54
CA LEU B 41 -5.70 5.10 -53.95
C LEU B 41 -6.32 3.97 -54.77
N LYS B 42 -7.35 4.28 -55.56
CA LYS B 42 -7.94 3.28 -56.45
C LYS B 42 -7.48 3.73 -57.84
N ASN B 43 -6.64 2.92 -58.48
CA ASN B 43 -6.14 3.25 -59.81
C ASN B 43 -5.64 4.71 -59.89
N GLY B 44 -4.80 5.08 -58.93
CA GLY B 44 -4.23 6.41 -58.91
C GLY B 44 -5.02 7.49 -58.23
N GLU B 45 -6.34 7.42 -58.37
CA GLU B 45 -7.25 8.40 -57.78
C GLU B 45 -7.25 8.21 -56.27
N ARG B 46 -7.68 9.22 -55.54
CA ARG B 46 -7.74 9.16 -54.09
C ARG B 46 -9.10 8.63 -53.71
N ILE B 47 -9.17 7.85 -52.65
CA ILE B 47 -10.44 7.29 -52.18
C ILE B 47 -10.96 8.25 -51.11
N GLU B 48 -12.26 8.53 -51.15
CA GLU B 48 -12.82 9.48 -50.20
C GLU B 48 -13.26 8.98 -48.81
N LYS B 49 -14.02 7.90 -48.74
CA LYS B 49 -14.47 7.42 -47.44
C LYS B 49 -13.43 6.51 -46.78
N VAL B 50 -12.36 7.13 -46.31
CA VAL B 50 -11.30 6.41 -45.62
C VAL B 50 -11.29 6.89 -44.16
N GLU B 51 -11.26 5.94 -43.24
CA GLU B 51 -11.23 6.24 -41.81
C GLU B 51 -9.92 5.76 -41.26
N HIS B 52 -9.67 6.08 -39.98
CA HIS B 52 -8.46 5.64 -39.29
C HIS B 52 -8.76 5.46 -37.82
N SER B 53 -7.95 4.62 -37.19
CA SER B 53 -8.10 4.33 -35.77
C SER B 53 -7.72 5.58 -34.98
N ASP B 54 -7.98 5.55 -33.68
CA ASP B 54 -7.65 6.66 -32.80
C ASP B 54 -6.17 6.60 -32.51
N LEU B 55 -5.49 7.73 -32.67
CA LEU B 55 -4.05 7.79 -32.42
C LEU B 55 -3.60 7.14 -31.11
N SER B 56 -2.67 6.19 -31.22
CA SER B 56 -2.14 5.50 -30.06
C SER B 56 -0.64 5.33 -30.31
N PHE B 57 0.07 4.77 -29.33
CA PHE B 57 1.51 4.58 -29.47
C PHE B 57 2.02 3.35 -28.76
N SER B 58 3.26 2.97 -29.10
CA SER B 58 3.91 1.81 -28.54
C SER B 58 4.74 2.16 -27.30
N LYS B 59 5.33 1.14 -26.65
CA LYS B 59 6.14 1.36 -25.45
C LYS B 59 7.28 2.35 -25.67
N ASP B 60 7.85 2.34 -26.87
CA ASP B 60 8.95 3.23 -27.21
C ASP B 60 8.46 4.63 -27.55
N TRP B 61 7.14 4.83 -27.44
CA TRP B 61 6.48 6.11 -27.71
C TRP B 61 6.14 6.40 -29.18
N SER B 62 6.61 5.59 -30.12
CA SER B 62 6.27 5.88 -31.51
C SER B 62 4.83 5.53 -31.80
N PHE B 63 4.23 6.30 -32.70
CA PHE B 63 2.82 6.14 -33.07
C PHE B 63 2.48 5.07 -34.11
N TYR B 64 1.19 4.74 -34.16
CA TYR B 64 0.64 3.77 -35.09
C TYR B 64 -0.82 4.12 -35.34
N LEU B 65 -1.26 3.92 -36.57
CA LEU B 65 -2.63 4.20 -36.98
C LEU B 65 -3.06 3.26 -38.09
N LEU B 66 -4.32 2.89 -38.10
CA LEU B 66 -4.83 2.04 -39.15
C LEU B 66 -5.82 2.82 -40.02
N TYR B 67 -5.52 2.97 -41.30
CA TYR B 67 -6.42 3.65 -42.24
C TYR B 67 -7.11 2.53 -42.99
N TYR B 68 -8.39 2.70 -43.26
CA TYR B 68 -9.13 1.64 -43.91
C TYR B 68 -10.35 2.13 -44.67
N THR B 69 -10.81 1.30 -45.59
CA THR B 69 -11.99 1.61 -46.39
C THR B 69 -12.57 0.32 -46.92
N GLU B 70 -13.89 0.26 -47.11
CA GLU B 70 -14.54 -0.93 -47.64
C GLU B 70 -14.29 -0.96 -49.13
N PHE B 71 -14.05 -2.15 -49.68
CA PHE B 71 -13.82 -2.29 -51.11
C PHE B 71 -14.10 -3.72 -51.56
N THR B 72 -14.35 -3.87 -52.85
CA THR B 72 -14.62 -5.17 -53.44
C THR B 72 -13.57 -5.32 -54.54
N PRO B 73 -12.50 -6.07 -54.27
CA PRO B 73 -11.45 -6.27 -55.29
C PRO B 73 -11.93 -6.88 -56.61
N THR B 74 -11.16 -6.62 -57.66
CA THR B 74 -11.42 -7.12 -59.00
C THR B 74 -10.05 -7.50 -59.57
N GLU B 75 -10.04 -8.21 -60.69
CA GLU B 75 -8.77 -8.59 -61.32
C GLU B 75 -8.08 -7.31 -61.79
N LYS B 76 -8.86 -6.44 -62.42
CA LYS B 76 -8.38 -5.17 -62.98
C LYS B 76 -7.83 -4.08 -62.05
N ASP B 77 -8.61 -3.70 -61.04
CA ASP B 77 -8.26 -2.60 -60.15
C ASP B 77 -6.98 -2.71 -59.35
N GLU B 78 -6.22 -1.62 -59.37
CA GLU B 78 -4.98 -1.48 -58.63
C GLU B 78 -5.23 -0.58 -57.42
N TYR B 79 -4.74 -1.00 -56.27
CA TYR B 79 -4.90 -0.21 -55.04
C TYR B 79 -3.53 0.16 -54.46
N ALA B 80 -3.47 1.28 -53.76
CA ALA B 80 -2.21 1.70 -53.15
C ALA B 80 -2.41 2.59 -51.94
N CYS B 81 -1.32 2.81 -51.21
CA CYS B 81 -1.32 3.67 -50.04
C CYS B 81 -0.23 4.72 -50.24
N ARG B 82 -0.60 5.99 -50.19
CA ARG B 82 0.36 7.08 -50.35
C ARG B 82 0.48 7.74 -48.97
N VAL B 83 1.71 7.87 -48.50
CA VAL B 83 1.97 8.42 -47.19
C VAL B 83 2.96 9.55 -47.21
N ASN B 84 2.72 10.57 -46.41
CA ASN B 84 3.68 11.66 -46.29
C ASN B 84 3.91 11.96 -44.82
N HIS B 85 5.14 12.33 -44.48
CA HIS B 85 5.56 12.61 -43.10
C HIS B 85 6.87 13.42 -43.17
N VAL B 86 7.24 14.14 -42.11
CA VAL B 86 8.51 14.91 -42.13
C VAL B 86 9.72 14.14 -42.62
N THR B 87 9.81 12.88 -42.21
CA THR B 87 10.91 11.98 -42.56
C THR B 87 10.90 11.52 -44.04
N LEU B 88 9.95 11.98 -44.84
CA LEU B 88 9.88 11.54 -46.22
C LEU B 88 10.11 12.68 -47.18
N SER B 89 11.02 12.45 -48.12
CA SER B 89 11.35 13.43 -49.15
C SER B 89 10.11 13.76 -49.95
N GLN B 90 9.57 12.75 -50.61
CA GLN B 90 8.35 12.88 -51.41
C GLN B 90 7.36 11.89 -50.80
N PRO B 91 6.10 11.90 -51.26
CA PRO B 91 5.13 10.94 -50.70
C PRO B 91 5.61 9.53 -51.03
N LYS B 92 5.42 8.61 -50.09
CA LYS B 92 5.81 7.23 -50.25
C LYS B 92 4.57 6.48 -50.69
N ILE B 93 4.66 5.79 -51.82
CA ILE B 93 3.53 5.00 -52.33
C ILE B 93 3.83 3.51 -52.29
N VAL B 94 2.98 2.77 -51.62
CA VAL B 94 3.13 1.31 -51.51
C VAL B 94 1.90 0.65 -52.11
N LYS B 95 2.15 -0.25 -53.05
CA LYS B 95 1.06 -0.96 -53.74
C LYS B 95 0.53 -2.17 -53.00
N TRP B 96 -0.76 -2.39 -53.17
CA TRP B 96 -1.41 -3.53 -52.58
C TRP B 96 -1.05 -4.70 -53.47
N ASP B 97 -0.55 -5.76 -52.84
CA ASP B 97 -0.18 -7.00 -53.49
C ASP B 97 -1.00 -8.00 -52.68
N ARG B 98 -1.90 -8.72 -53.35
CA ARG B 98 -2.75 -9.69 -52.65
C ARG B 98 -1.95 -10.64 -51.77
N ASP B 99 -0.83 -11.09 -52.31
CA ASP B 99 0.05 -12.03 -51.61
C ASP B 99 0.87 -11.45 -50.46
N MET B 100 0.47 -10.29 -49.96
CA MET B 100 1.18 -9.66 -48.83
C MET B 100 0.24 -8.92 -47.84
N MET C 1 -10.68 2.14 -15.63
CA MET C 1 -11.06 3.50 -15.12
C MET C 1 -9.85 4.42 -14.97
N LEU C 2 -10.01 5.66 -15.40
CA LEU C 2 -8.97 6.68 -15.36
C LEU C 2 -8.48 7.03 -13.96
N LEU C 3 -7.23 7.47 -13.89
CA LEU C 3 -6.60 7.92 -12.65
C LEU C 3 -7.31 9.22 -12.25
N SER C 4 -7.42 9.49 -10.96
CA SER C 4 -8.05 10.72 -10.48
C SER C 4 -7.08 11.64 -9.73
N VAL C 5 -5.84 11.19 -9.53
CA VAL C 5 -4.82 11.98 -8.83
C VAL C 5 -4.38 13.16 -9.73
N PRO C 6 -4.70 14.40 -9.30
CA PRO C 6 -4.33 15.60 -10.05
C PRO C 6 -2.81 15.68 -10.17
N LEU C 7 -2.30 15.79 -11.39
CA LEU C 7 -0.84 15.84 -11.61
C LEU C 7 -0.42 16.78 -12.71
N LEU C 8 0.48 17.71 -12.39
CA LEU C 8 1.00 18.64 -13.38
C LEU C 8 2.51 18.50 -13.32
N LEU C 9 3.16 18.55 -14.48
CA LEU C 9 4.62 18.42 -14.54
C LEU C 9 5.35 19.54 -13.83
N GLY C 10 4.83 20.75 -13.97
CA GLY C 10 5.45 21.89 -13.32
C GLY C 10 4.42 22.64 -12.51
N GLY D 1 2.54 8.97 13.36
CA GLY D 1 1.64 10.00 13.90
C GLY D 1 2.24 10.66 15.12
N SER D 2 1.44 10.80 16.18
CA SER D 2 1.88 11.43 17.41
C SER D 2 2.70 10.49 18.28
N HIS D 3 3.38 11.05 19.28
CA HIS D 3 4.21 10.24 20.16
C HIS D 3 4.32 10.86 21.55
N SER D 4 4.81 10.07 22.50
CA SER D 4 4.99 10.54 23.85
C SER D 4 6.14 9.80 24.52
N MET D 5 6.65 10.37 25.60
CA MET D 5 7.70 9.72 26.38
C MET D 5 7.22 9.87 27.81
N ARG D 6 7.29 8.79 28.58
CA ARG D 6 6.83 8.79 29.97
C ARG D 6 7.78 8.09 30.91
N TYR D 7 7.87 8.59 32.14
CA TYR D 7 8.67 7.97 33.20
C TYR D 7 7.71 7.71 34.35
N PHE D 8 7.70 6.47 34.82
CA PHE D 8 6.83 6.06 35.91
C PHE D 8 7.67 5.59 37.08
N PHE D 9 7.39 6.15 38.25
CA PHE D 9 8.13 5.81 39.44
C PHE D 9 7.15 5.35 40.50
N THR D 10 7.51 4.27 41.20
CA THR D 10 6.67 3.71 42.25
C THR D 10 7.54 3.39 43.44
N SER D 11 7.27 4.05 44.56
CA SER D 11 8.01 3.76 45.78
C SER D 11 7.01 3.17 46.79
N VAL D 12 7.38 2.05 47.41
CA VAL D 12 6.54 1.38 48.39
C VAL D 12 7.31 1.11 49.67
N SER D 13 6.78 1.58 50.79
CA SER D 13 7.45 1.36 52.07
C SER D 13 7.27 -0.06 52.66
N ARG D 14 8.36 -0.62 53.15
CA ARG D 14 8.39 -1.96 53.76
C ARG D 14 8.78 -1.73 55.22
N PRO D 15 7.89 -1.13 56.02
CA PRO D 15 8.16 -0.86 57.43
C PRO D 15 8.70 -2.07 58.17
N GLY D 16 9.97 -2.04 58.55
CA GLY D 16 10.56 -3.17 59.26
C GLY D 16 11.18 -4.22 58.36
N ARG D 17 11.20 -3.93 57.06
CA ARG D 17 11.75 -4.86 56.09
C ARG D 17 12.69 -4.18 55.09
N GLY D 18 13.47 -3.22 55.58
CA GLY D 18 14.42 -2.53 54.73
C GLY D 18 13.93 -1.22 54.18
N GLU D 19 14.75 -0.57 53.36
CA GLU D 19 14.39 0.70 52.75
C GLU D 19 13.27 0.43 51.75
N PRO D 20 12.40 1.44 51.51
CA PRO D 20 11.28 1.30 50.56
C PRO D 20 11.75 0.79 49.20
N ARG D 21 10.89 0.04 48.53
CA ARG D 21 11.26 -0.47 47.21
C ARG D 21 10.85 0.57 46.17
N PHE D 22 11.79 0.84 45.26
CA PHE D 22 11.58 1.82 44.21
C PHE D 22 11.71 1.18 42.83
N ILE D 23 10.73 1.44 41.97
CA ILE D 23 10.74 0.95 40.60
C ILE D 23 10.58 2.15 39.67
N ALA D 24 11.43 2.22 38.66
CA ALA D 24 11.36 3.30 37.68
C ALA D 24 11.44 2.69 36.29
N VAL D 25 10.54 3.09 35.41
CA VAL D 25 10.49 2.61 34.03
C VAL D 25 10.21 3.77 33.07
N GLY D 26 10.79 3.67 31.88
CA GLY D 26 10.60 4.71 30.89
C GLY D 26 9.99 4.11 29.64
N TYR D 27 9.08 4.85 29.02
CA TYR D 27 8.41 4.43 27.82
C TYR D 27 8.45 5.49 26.75
N VAL D 28 8.46 5.06 25.48
CA VAL D 28 8.35 5.92 24.32
C VAL D 28 7.15 5.22 23.72
N ASP D 29 6.03 5.93 23.69
CA ASP D 29 4.78 5.37 23.20
C ASP D 29 4.46 4.17 24.11
N ASP D 30 4.29 2.98 23.55
CA ASP D 30 4.00 1.83 24.39
C ASP D 30 5.22 0.95 24.57
N THR D 31 6.39 1.44 24.17
CA THR D 31 7.61 0.66 24.30
C THR D 31 8.43 1.07 25.51
N GLN D 32 8.64 0.14 26.42
CA GLN D 32 9.44 0.43 27.60
C GLN D 32 10.88 0.37 27.10
N PHE D 33 11.74 1.29 27.58
CA PHE D 33 13.12 1.26 27.12
C PHE D 33 14.17 1.26 28.22
N VAL D 34 13.77 1.62 29.45
CA VAL D 34 14.69 1.64 30.57
C VAL D 34 13.97 1.31 31.86
N ARG D 35 14.74 0.83 32.82
CA ARG D 35 14.21 0.52 34.13
C ARG D 35 15.27 0.50 35.21
N PHE D 36 14.82 0.73 36.43
CA PHE D 36 15.66 0.69 37.59
C PHE D 36 14.81 0.03 38.65
N ASP D 37 15.39 -0.92 39.36
CA ASP D 37 14.71 -1.62 40.44
C ASP D 37 15.70 -1.63 41.59
N SER D 38 15.32 -0.97 42.68
CA SER D 38 16.15 -0.87 43.87
C SER D 38 16.55 -2.25 44.44
N ASP D 39 15.64 -3.20 44.35
CA ASP D 39 15.91 -4.53 44.87
C ASP D 39 16.80 -5.36 43.95
N ALA D 40 17.14 -4.78 42.79
CA ALA D 40 17.98 -5.47 41.82
C ALA D 40 19.47 -5.35 42.12
N ALA D 41 20.22 -6.39 41.76
CA ALA D 41 21.64 -6.46 42.00
C ALA D 41 22.55 -5.41 41.35
N SER D 42 22.28 -5.05 40.09
CA SER D 42 23.10 -4.07 39.36
C SER D 42 23.14 -2.67 39.93
N GLN D 43 21.98 -2.16 40.35
CA GLN D 43 21.89 -0.79 40.87
C GLN D 43 22.25 0.19 39.76
N ARG D 44 21.85 -0.16 38.54
CA ARG D 44 22.11 0.63 37.35
C ARG D 44 20.81 0.81 36.60
N MET D 45 20.70 1.90 35.84
CA MET D 45 19.54 2.09 34.99
C MET D 45 19.88 1.05 33.92
N GLU D 46 18.92 0.21 33.51
CA GLU D 46 19.20 -0.83 32.51
C GLU D 46 18.33 -0.65 31.29
N PRO D 47 18.83 -1.10 30.10
CA PRO D 47 18.08 -1.02 28.85
C PRO D 47 17.00 -2.09 28.80
N ARG D 48 15.92 -1.79 28.10
CA ARG D 48 14.82 -2.74 27.93
C ARG D 48 14.39 -2.78 26.47
N ALA D 49 15.01 -1.94 25.65
CA ALA D 49 14.74 -1.87 24.20
C ALA D 49 16.10 -1.94 23.50
N PRO D 50 16.16 -2.61 22.34
CA PRO D 50 17.40 -2.75 21.57
C PRO D 50 18.03 -1.42 21.16
N TRP D 51 17.20 -0.50 20.70
CA TRP D 51 17.70 0.81 20.26
C TRP D 51 18.33 1.70 21.32
N ILE D 52 18.26 1.33 22.60
CA ILE D 52 18.87 2.18 23.62
C ILE D 52 20.16 1.55 24.17
N GLU D 53 20.39 0.28 23.80
CA GLU D 53 21.54 -0.45 24.29
C GLU D 53 22.89 0.11 23.90
N GLN D 54 22.97 0.75 22.74
CA GLN D 54 24.23 1.32 22.29
C GLN D 54 24.38 2.83 22.56
N GLU D 55 23.77 3.29 23.65
CA GLU D 55 23.82 4.69 24.00
C GLU D 55 25.21 5.14 24.45
N GLY D 56 25.89 4.32 25.24
CA GLY D 56 27.22 4.68 25.71
C GLY D 56 27.27 4.86 27.20
N PRO D 57 28.44 4.64 27.83
CA PRO D 57 28.55 4.80 29.29
C PRO D 57 28.18 6.17 29.82
N GLU D 58 28.39 7.22 29.04
CA GLU D 58 28.05 8.56 29.49
C GLU D 58 26.54 8.58 29.81
N TYR D 59 25.74 8.09 28.87
CA TYR D 59 24.29 8.05 29.06
C TYR D 59 23.94 7.21 30.29
N TRP D 60 24.40 5.96 30.29
CA TRP D 60 24.10 5.04 31.37
C TRP D 60 24.54 5.50 32.73
N ASP D 61 25.75 6.03 32.84
CA ASP D 61 26.27 6.52 34.11
C ASP D 61 25.45 7.72 34.61
N GLY D 62 25.09 8.58 33.66
CA GLY D 62 24.30 9.75 33.98
C GLY D 62 22.89 9.41 34.46
N GLU D 63 22.20 8.55 33.72
CA GLU D 63 20.83 8.14 34.07
C GLU D 63 20.84 7.36 35.37
N THR D 64 21.84 6.50 35.54
CA THR D 64 21.98 5.71 36.76
C THR D 64 22.05 6.66 37.94
N ARG D 65 22.83 7.71 37.77
CA ARG D 65 23.04 8.76 38.75
C ARG D 65 21.70 9.41 39.11
N LYS D 66 21.03 9.97 38.10
CA LYS D 66 19.76 10.64 38.28
C LYS D 66 18.64 9.74 38.81
N VAL D 67 18.64 8.49 38.38
CA VAL D 67 17.60 7.58 38.83
C VAL D 67 17.76 7.24 40.31
N LYS D 68 19.00 7.17 40.77
CA LYS D 68 19.28 6.88 42.18
C LYS D 68 18.80 8.07 43.00
N ALA D 69 19.00 9.25 42.42
CA ALA D 69 18.58 10.51 43.04
C ALA D 69 17.05 10.53 43.15
N HIS D 70 16.38 10.00 42.14
CA HIS D 70 14.94 9.94 42.16
C HIS D 70 14.52 9.06 43.33
N SER D 71 15.27 7.99 43.53
CA SER D 71 15.02 7.07 44.62
C SER D 71 15.14 7.77 45.98
N GLN D 72 16.31 8.35 46.25
CA GLN D 72 16.56 9.06 47.51
C GLN D 72 15.52 10.14 47.79
N THR D 73 14.96 10.70 46.72
CA THR D 73 13.93 11.73 46.84
C THR D 73 12.60 11.11 47.31
N HIS D 74 12.20 10.01 46.67
CA HIS D 74 10.94 9.34 47.01
C HIS D 74 10.98 8.71 48.39
N ARG D 75 12.18 8.32 48.80
CA ARG D 75 12.38 7.71 50.10
C ARG D 75 12.03 8.74 51.18
N VAL D 76 12.42 9.98 50.94
CA VAL D 76 12.16 11.08 51.86
C VAL D 76 10.68 11.48 51.78
N ASP D 77 10.14 11.48 50.56
CA ASP D 77 8.74 11.81 50.33
C ASP D 77 7.76 10.92 51.08
N LEU D 78 8.10 9.63 51.19
CA LEU D 78 7.23 8.68 51.87
C LEU D 78 7.08 9.11 53.33
N GLY D 79 8.20 9.54 53.91
CA GLY D 79 8.21 10.01 55.28
C GLY D 79 7.42 11.29 55.43
N THR D 80 7.67 12.25 54.54
CA THR D 80 6.95 13.53 54.60
C THR D 80 5.44 13.31 54.64
N LEU D 81 4.95 12.47 53.74
CA LEU D 81 3.53 12.14 53.64
C LEU D 81 3.01 11.28 54.77
N ARG D 82 3.86 10.37 55.28
CA ARG D 82 3.45 9.54 56.40
C ARG D 82 3.09 10.53 57.51
N GLY D 83 3.91 11.58 57.60
CA GLY D 83 3.69 12.64 58.56
C GLY D 83 2.54 13.58 58.22
N TYR D 84 2.50 14.08 57.00
CA TYR D 84 1.43 15.01 56.58
C TYR D 84 0.04 14.43 56.86
N TYR D 85 -0.07 13.12 56.79
CA TYR D 85 -1.34 12.48 57.03
C TYR D 85 -1.53 11.81 58.38
N ASN D 86 -0.57 11.98 59.27
CA ASN D 86 -0.68 11.40 60.62
C ASN D 86 -0.86 9.88 60.59
N GLN D 87 -0.10 9.20 59.75
CA GLN D 87 -0.20 7.75 59.64
C GLN D 87 0.86 7.14 60.54
N SER D 88 0.79 5.84 60.80
CA SER D 88 1.78 5.17 61.66
C SER D 88 3.01 4.59 60.92
N GLU D 89 4.07 4.33 61.67
CA GLU D 89 5.29 3.76 61.10
C GLU D 89 5.08 2.28 60.78
N ALA D 90 3.87 1.79 61.04
CA ALA D 90 3.54 0.38 60.82
C ALA D 90 3.10 0.05 59.40
N GLY D 91 2.32 0.93 58.79
CA GLY D 91 1.82 0.67 57.45
C GLY D 91 2.72 0.91 56.25
N SER D 92 2.41 0.16 55.19
CA SER D 92 3.09 0.25 53.91
C SER D 92 2.27 1.24 53.07
N HIS D 93 2.95 2.21 52.46
CA HIS D 93 2.29 3.21 51.64
C HIS D 93 2.96 3.34 50.28
N THR D 94 2.27 3.96 49.33
CA THR D 94 2.76 4.15 47.96
C THR D 94 2.79 5.58 47.47
N VAL D 95 3.90 5.92 46.83
CA VAL D 95 4.06 7.21 46.19
C VAL D 95 4.28 6.85 44.73
N GLN D 96 3.59 7.53 43.83
CA GLN D 96 3.77 7.29 42.40
C GLN D 96 3.96 8.67 41.76
N ARG D 97 4.96 8.78 40.91
CA ARG D 97 5.24 10.04 40.20
C ARG D 97 5.29 9.73 38.71
N MET D 98 4.82 10.66 37.90
CA MET D 98 4.82 10.49 36.45
C MET D 98 5.09 11.81 35.76
N TYR D 99 6.07 11.81 34.87
CA TYR D 99 6.37 12.98 34.09
C TYR D 99 6.74 12.56 32.67
N GLY D 100 6.48 13.44 31.72
CA GLY D 100 6.77 13.14 30.33
C GLY D 100 6.16 14.18 29.42
N CYS D 101 6.22 13.95 28.12
CA CYS D 101 5.70 14.88 27.13
C CYS D 101 5.09 14.17 25.94
N ASP D 102 4.17 14.87 25.26
CA ASP D 102 3.49 14.41 24.06
C ASP D 102 3.90 15.35 22.94
N VAL D 103 4.12 14.82 21.75
CA VAL D 103 4.46 15.63 20.59
C VAL D 103 3.45 15.22 19.53
N GLY D 104 3.13 16.15 18.64
CA GLY D 104 2.18 15.82 17.60
C GLY D 104 2.80 15.06 16.44
N SER D 105 2.04 15.04 15.36
CA SER D 105 2.43 14.38 14.11
C SER D 105 3.77 14.91 13.61
N ASP D 106 3.98 16.20 13.85
CA ASP D 106 5.19 16.91 13.43
C ASP D 106 6.31 16.89 14.43
N TRP D 107 6.14 16.08 15.49
CA TRP D 107 7.16 15.96 16.54
C TRP D 107 7.32 17.22 17.39
N ARG D 108 6.30 18.07 17.39
CA ARG D 108 6.35 19.29 18.19
C ARG D 108 5.62 19.11 19.50
N PHE D 109 6.12 19.80 20.51
CA PHE D 109 5.54 19.75 21.85
C PHE D 109 4.03 19.94 21.80
N LEU D 110 3.33 19.08 22.53
CA LEU D 110 1.89 19.11 22.57
C LEU D 110 1.40 19.22 24.01
N ARG D 111 2.02 18.45 24.91
CA ARG D 111 1.64 18.45 26.33
C ARG D 111 2.78 17.98 27.21
N GLY D 112 2.84 18.50 28.44
CA GLY D 112 3.87 18.12 29.39
C GLY D 112 3.18 17.68 30.67
N TYR D 113 3.74 16.71 31.38
CA TYR D 113 3.09 16.23 32.61
C TYR D 113 4.10 16.05 33.70
N HIS D 114 3.66 16.22 34.94
CA HIS D 114 4.47 16.03 36.12
C HIS D 114 3.51 16.01 37.31
N GLN D 115 3.32 14.84 37.88
CA GLN D 115 2.35 14.71 38.95
C GLN D 115 2.66 13.54 39.86
N TYR D 116 2.01 13.53 41.03
CA TYR D 116 2.17 12.48 42.02
C TYR D 116 0.83 11.99 42.51
N ALA D 117 0.87 10.81 43.13
CA ALA D 117 -0.30 10.22 43.75
C ALA D 117 0.20 9.56 45.02
N TYR D 118 -0.59 9.66 46.07
CA TYR D 118 -0.25 9.04 47.34
C TYR D 118 -1.34 7.99 47.59
N ASP D 119 -0.92 6.77 47.88
CA ASP D 119 -1.85 5.67 48.14
C ASP D 119 -2.99 5.51 47.14
N GLY D 120 -2.66 5.73 45.88
CA GLY D 120 -3.62 5.57 44.82
C GLY D 120 -4.49 6.76 44.54
N LYS D 121 -4.23 7.85 45.25
CA LYS D 121 -5.03 9.06 45.15
C LYS D 121 -4.18 10.26 44.71
N ASP D 122 -4.68 11.03 43.75
CA ASP D 122 -3.95 12.21 43.26
C ASP D 122 -3.48 13.09 44.40
N TYR D 123 -2.21 13.51 44.34
CA TYR D 123 -1.64 14.37 45.36
C TYR D 123 -1.51 15.80 44.81
N ILE D 124 -0.66 15.97 43.80
CA ILE D 124 -0.45 17.27 43.19
C ILE D 124 -0.08 17.06 41.74
N ALA D 125 -0.48 17.99 40.88
CA ALA D 125 -0.19 17.87 39.46
C ALA D 125 0.09 19.20 38.79
N LEU D 126 1.02 19.19 37.84
CA LEU D 126 1.35 20.38 37.09
C LEU D 126 0.23 20.54 36.08
N LYS D 127 -0.38 21.73 36.02
CA LYS D 127 -1.47 21.97 35.07
C LYS D 127 -0.97 22.18 33.65
N GLU D 128 -1.87 21.97 32.69
CA GLU D 128 -1.58 22.08 31.26
C GLU D 128 -0.82 23.33 30.83
N ASP D 129 -1.12 24.47 31.46
CA ASP D 129 -0.42 25.71 31.11
C ASP D 129 1.03 25.71 31.57
N LEU D 130 1.39 24.66 32.31
CA LEU D 130 2.74 24.48 32.83
C LEU D 130 3.17 25.64 33.73
N ARG D 131 2.19 26.38 34.22
CA ARG D 131 2.43 27.53 35.08
C ARG D 131 1.82 27.36 36.46
N SER D 132 0.73 26.60 36.55
CA SER D 132 0.07 26.41 37.84
C SER D 132 0.05 24.96 38.30
N TRP D 133 -0.56 24.73 39.45
CA TRP D 133 -0.64 23.40 40.05
C TRP D 133 -2.04 23.04 40.52
N THR D 134 -2.39 21.76 40.44
CA THR D 134 -3.66 21.30 40.97
C THR D 134 -3.27 20.58 42.25
N ALA D 135 -3.66 21.15 43.38
CA ALA D 135 -3.36 20.57 44.69
C ALA D 135 -4.61 19.95 45.29
N ALA D 136 -4.56 18.64 45.49
CA ALA D 136 -5.70 17.90 46.02
C ALA D 136 -6.23 18.30 47.40
N ASP D 137 -5.69 17.69 48.43
CA ASP D 137 -6.13 17.94 49.80
C ASP D 137 -5.49 19.14 50.49
N MET D 138 -5.62 19.17 51.80
CA MET D 138 -5.07 20.23 52.61
C MET D 138 -3.57 20.04 52.64
N ALA D 139 -3.15 18.79 52.77
CA ALA D 139 -1.72 18.44 52.83
C ALA D 139 -0.97 18.86 51.57
N ALA D 140 -1.55 18.60 50.40
CA ALA D 140 -0.92 18.94 49.13
C ALA D 140 -0.70 20.46 48.99
N GLN D 141 -1.43 21.22 49.81
CA GLN D 141 -1.35 22.68 49.79
C GLN D 141 0.00 23.17 50.26
N THR D 142 0.58 22.45 51.22
CA THR D 142 1.89 22.80 51.74
C THR D 142 2.88 22.65 50.59
N THR D 143 2.75 21.55 49.84
CA THR D 143 3.60 21.31 48.70
C THR D 143 3.43 22.31 47.55
N LYS D 144 2.19 22.65 47.21
CA LYS D 144 1.95 23.60 46.12
C LYS D 144 2.56 24.95 46.44
N HIS D 145 2.37 25.41 47.66
CA HIS D 145 2.91 26.69 48.09
C HIS D 145 4.43 26.63 48.06
N LYS D 146 4.98 25.54 48.59
CA LYS D 146 6.42 25.34 48.60
C LYS D 146 6.99 25.43 47.19
N TRP D 147 6.33 24.74 46.27
CA TRP D 147 6.74 24.71 44.87
C TRP D 147 6.52 26.02 44.12
N GLU D 148 5.50 26.76 44.51
CA GLU D 148 5.22 28.04 43.89
C GLU D 148 6.30 29.04 44.33
N ALA D 149 6.64 28.98 45.63
CA ALA D 149 7.64 29.87 46.20
C ALA D 149 9.01 29.63 45.57
N ALA D 150 9.31 28.36 45.28
CA ALA D 150 10.59 27.99 44.70
C ALA D 150 10.63 28.03 43.18
N HIS D 151 9.53 28.42 42.55
CA HIS D 151 9.47 28.51 41.09
C HIS D 151 9.79 27.19 40.40
N VAL D 152 9.17 26.13 40.92
CA VAL D 152 9.38 24.79 40.39
C VAL D 152 8.76 24.61 39.00
N ALA D 153 7.63 25.24 38.77
CA ALA D 153 6.95 25.09 37.48
C ALA D 153 7.81 25.56 36.31
N GLU D 154 8.48 26.69 36.48
CA GLU D 154 9.32 27.23 35.41
C GLU D 154 10.40 26.23 35.03
N GLN D 155 11.04 25.65 36.05
CA GLN D 155 12.09 24.65 35.85
C GLN D 155 11.60 23.41 35.10
N LEU D 156 10.39 22.97 35.43
CA LEU D 156 9.80 21.81 34.80
C LEU D 156 9.47 22.14 33.34
N ARG D 157 8.93 23.34 33.12
CA ARG D 157 8.57 23.82 31.79
C ARG D 157 9.73 23.66 30.81
N ALA D 158 10.91 24.13 31.23
CA ALA D 158 12.09 24.01 30.41
C ALA D 158 12.38 22.55 30.02
N TYR D 159 12.26 21.64 30.97
CA TYR D 159 12.52 20.22 30.69
C TYR D 159 11.47 19.60 29.75
N LEU D 160 10.20 19.82 30.05
CA LEU D 160 9.08 19.27 29.28
C LEU D 160 9.00 19.72 27.84
N GLU D 161 9.29 21.01 27.63
CA GLU D 161 9.24 21.56 26.29
C GLU D 161 10.60 21.43 25.60
N GLY D 162 11.66 21.27 26.39
CA GLY D 162 12.99 21.14 25.83
C GLY D 162 13.53 19.72 25.83
N THR D 163 14.34 19.41 26.83
CA THR D 163 14.96 18.10 26.95
C THR D 163 14.07 16.92 26.61
N CYS D 164 12.87 16.92 27.18
CA CYS D 164 11.90 15.84 26.99
C CYS D 164 11.59 15.62 25.53
N VAL D 165 11.17 16.68 24.87
CA VAL D 165 10.84 16.61 23.45
C VAL D 165 12.08 16.25 22.64
N GLU D 166 13.20 16.91 22.97
CA GLU D 166 14.47 16.70 22.28
C GLU D 166 14.95 15.25 22.30
N TRP D 167 14.97 14.64 23.48
CA TRP D 167 15.40 13.24 23.61
C TRP D 167 14.39 12.24 23.04
N LEU D 168 13.12 12.61 23.06
CA LEU D 168 12.08 11.78 22.50
C LEU D 168 12.36 11.66 21.01
N ARG D 169 12.55 12.80 20.35
CA ARG D 169 12.84 12.83 18.91
C ARG D 169 14.05 11.95 18.61
N ARG D 170 15.08 12.10 19.42
CA ARG D 170 16.30 11.31 19.26
C ARG D 170 15.98 9.82 19.37
N TYR D 171 15.17 9.44 20.35
CA TYR D 171 14.80 8.04 20.53
C TYR D 171 14.02 7.54 19.33
N LEU D 172 13.09 8.35 18.84
CA LEU D 172 12.28 7.99 17.67
C LEU D 172 13.22 7.69 16.48
N GLU D 173 14.22 8.54 16.27
CA GLU D 173 15.22 8.34 15.21
C GLU D 173 16.03 7.07 15.53
N ASN D 174 16.61 7.02 16.72
CA ASN D 174 17.41 5.86 17.18
C ASN D 174 16.69 4.56 16.91
N GLY D 175 15.45 4.50 17.39
CA GLY D 175 14.63 3.31 17.24
C GLY D 175 13.67 3.34 16.07
N LYS D 176 14.06 4.04 15.01
CA LYS D 176 13.29 4.19 13.76
C LYS D 176 12.42 3.01 13.34
N GLU D 177 13.02 1.85 13.09
CA GLU D 177 12.25 0.69 12.64
C GLU D 177 11.30 0.10 13.66
N THR D 178 11.56 0.35 14.94
CA THR D 178 10.67 -0.16 15.98
C THR D 178 9.58 0.86 16.27
N LEU D 179 9.98 2.02 16.76
CA LEU D 179 9.06 3.09 17.12
C LEU D 179 8.26 3.74 15.99
N GLN D 180 8.84 3.78 14.79
CA GLN D 180 8.14 4.39 13.68
C GLN D 180 7.41 3.40 12.78
N ARG D 181 7.22 2.17 13.27
CA ARG D 181 6.52 1.13 12.53
C ARG D 181 5.05 1.16 12.94
N THR D 182 4.19 0.75 12.02
CA THR D 182 2.76 0.63 12.31
C THR D 182 2.35 -0.75 11.81
N ASP D 183 2.08 -1.66 12.74
CA ASP D 183 1.65 -3.00 12.39
C ASP D 183 0.13 -2.99 12.36
N ALA D 184 -0.42 -3.13 11.17
CA ALA D 184 -1.86 -3.16 10.99
C ALA D 184 -2.34 -4.46 11.57
N PRO D 185 -3.46 -4.44 12.30
CA PRO D 185 -4.00 -5.64 12.92
C PRO D 185 -4.38 -6.76 11.95
N LYS D 186 -4.15 -7.98 12.41
CA LYS D 186 -4.54 -9.17 11.66
C LYS D 186 -5.88 -9.49 12.31
N THR D 187 -6.93 -9.47 11.52
CA THR D 187 -8.28 -9.73 12.04
C THR D 187 -8.87 -11.05 11.60
N HIS D 188 -9.77 -11.56 12.42
CA HIS D 188 -10.48 -12.80 12.12
C HIS D 188 -11.67 -12.92 13.07
N MET D 189 -12.59 -13.81 12.75
CA MET D 189 -13.80 -14.01 13.54
C MET D 189 -13.99 -15.47 13.95
N THR D 190 -14.54 -15.69 15.13
CA THR D 190 -14.82 -17.06 15.61
C THR D 190 -16.30 -17.16 15.96
N HIS D 191 -16.84 -18.35 15.84
CA HIS D 191 -18.24 -18.62 16.10
C HIS D 191 -18.28 -19.79 17.08
N HIS D 192 -19.02 -19.66 18.18
CA HIS D 192 -19.15 -20.72 19.19
C HIS D 192 -20.61 -20.77 19.62
N ALA D 193 -21.28 -21.89 19.39
CA ALA D 193 -22.70 -22.04 19.74
C ALA D 193 -22.89 -22.16 21.24
N VAL D 194 -23.39 -21.09 21.86
CA VAL D 194 -23.61 -21.13 23.29
C VAL D 194 -24.87 -21.91 23.64
N SER D 195 -25.74 -22.07 22.64
CA SER D 195 -26.98 -22.80 22.83
C SER D 195 -27.54 -23.27 21.48
N ASP D 196 -28.82 -23.63 21.50
CA ASP D 196 -29.55 -24.09 20.32
C ASP D 196 -30.00 -22.90 19.46
N HIS D 197 -30.09 -21.74 20.09
CA HIS D 197 -30.56 -20.53 19.41
C HIS D 197 -29.65 -19.31 19.61
N GLU D 198 -28.48 -19.52 20.21
CA GLU D 198 -27.55 -18.42 20.42
C GLU D 198 -26.12 -18.88 20.13
N ALA D 199 -25.32 -17.97 19.59
CA ALA D 199 -23.93 -18.25 19.29
C ALA D 199 -23.09 -17.01 19.56
N THR D 200 -21.84 -17.20 19.94
CA THR D 200 -20.99 -16.05 20.21
C THR D 200 -20.11 -15.73 18.99
N LEU D 201 -20.18 -14.49 18.52
CA LEU D 201 -19.34 -14.03 17.42
C LEU D 201 -18.25 -13.14 18.04
N ARG D 202 -16.99 -13.54 17.88
CA ARG D 202 -15.89 -12.76 18.44
C ARG D 202 -15.01 -12.22 17.31
N CYS D 203 -14.72 -10.92 17.38
CA CYS D 203 -13.89 -10.29 16.37
C CYS D 203 -12.51 -10.01 16.95
N TRP D 204 -11.49 -10.55 16.30
CA TRP D 204 -10.09 -10.41 16.72
C TRP D 204 -9.25 -9.39 15.94
N ALA D 205 -8.35 -8.75 16.68
CA ALA D 205 -7.39 -7.79 16.16
C ALA D 205 -6.06 -8.25 16.80
N LEU D 206 -5.15 -8.79 16.00
CA LEU D 206 -3.87 -9.28 16.53
C LEU D 206 -2.62 -8.67 15.89
N SER D 207 -1.52 -8.70 16.64
CA SER D 207 -0.24 -8.22 16.12
C SER D 207 -0.20 -6.79 15.59
N PHE D 208 -0.88 -5.86 16.27
CA PHE D 208 -0.86 -4.49 15.80
C PHE D 208 0.06 -3.59 16.62
N TYR D 209 0.46 -2.49 16.01
CA TYR D 209 1.32 -1.51 16.64
C TYR D 209 1.13 -0.19 15.90
N PRO D 210 0.88 0.92 16.64
CA PRO D 210 0.79 1.09 18.10
C PRO D 210 -0.50 0.53 18.72
N ALA D 211 -0.58 0.59 20.04
CA ALA D 211 -1.73 0.06 20.78
C ALA D 211 -3.12 0.60 20.49
N GLU D 212 -3.21 1.85 20.02
CA GLU D 212 -4.50 2.49 19.76
C GLU D 212 -5.32 1.77 18.70
N ILE D 213 -6.57 1.47 19.05
CA ILE D 213 -7.45 0.77 18.13
C ILE D 213 -8.89 0.94 18.55
N THR D 214 -9.78 0.87 17.56
CA THR D 214 -11.21 0.95 17.78
C THR D 214 -11.81 -0.30 17.18
N LEU D 215 -12.41 -1.11 18.04
CA LEU D 215 -13.03 -2.38 17.65
C LEU D 215 -14.51 -2.36 18.14
N THR D 216 -15.45 -2.44 17.21
CA THR D 216 -16.86 -2.43 17.59
C THR D 216 -17.69 -3.39 16.74
N TRP D 217 -18.87 -3.73 17.24
CA TRP D 217 -19.81 -4.60 16.53
C TRP D 217 -21.05 -3.77 16.23
N GLN D 218 -21.70 -4.07 15.12
CA GLN D 218 -22.92 -3.39 14.73
C GLN D 218 -23.92 -4.41 14.24
N ARG D 219 -25.20 -4.10 14.37
CA ARG D 219 -26.27 -4.97 13.90
C ARG D 219 -27.01 -4.01 12.99
N ASP D 220 -27.11 -4.33 11.70
CA ASP D 220 -27.76 -3.45 10.73
C ASP D 220 -27.13 -2.05 10.71
N GLY D 221 -25.84 -1.98 11.06
CA GLY D 221 -25.13 -0.71 11.09
C GLY D 221 -25.48 0.08 12.33
N GLU D 222 -26.30 -0.49 13.21
CA GLU D 222 -26.72 0.18 14.44
C GLU D 222 -25.72 -0.17 15.54
N ASP D 223 -25.55 0.74 16.48
CA ASP D 223 -24.64 0.47 17.57
C ASP D 223 -25.08 -0.73 18.39
N GLN D 224 -24.10 -1.38 19.01
CA GLN D 224 -24.30 -2.56 19.84
C GLN D 224 -23.40 -2.46 21.05
N THR D 225 -23.04 -1.25 21.40
CA THR D 225 -22.12 -0.98 22.50
C THR D 225 -22.46 -1.71 23.79
N GLN D 226 -23.68 -1.53 24.29
CA GLN D 226 -24.12 -2.18 25.54
C GLN D 226 -24.20 -3.70 25.45
N ASP D 227 -24.19 -4.23 24.23
CA ASP D 227 -24.28 -5.68 24.06
C ASP D 227 -22.95 -6.33 23.65
N THR D 228 -21.87 -5.56 23.67
CA THR D 228 -20.57 -6.09 23.29
C THR D 228 -19.61 -6.31 24.44
N GLU D 229 -19.04 -7.50 24.54
CA GLU D 229 -18.03 -7.72 25.57
C GLU D 229 -16.76 -7.27 24.84
N LEU D 230 -16.02 -6.36 25.44
CA LEU D 230 -14.83 -5.81 24.82
C LEU D 230 -13.70 -5.77 25.84
N VAL D 231 -12.70 -6.62 25.64
CA VAL D 231 -11.56 -6.66 26.55
C VAL D 231 -10.56 -5.52 26.36
N GLU D 232 -9.81 -5.26 27.43
CA GLU D 232 -8.79 -4.25 27.44
C GLU D 232 -7.70 -4.68 26.46
N THR D 233 -7.19 -3.73 25.68
CA THR D 233 -6.11 -4.02 24.74
C THR D 233 -4.98 -4.63 25.57
N ARG D 234 -4.37 -5.69 25.06
CA ARG D 234 -3.36 -6.40 25.83
C ARG D 234 -2.06 -6.61 25.06
N PRO D 235 -0.92 -6.67 25.77
CA PRO D 235 0.38 -6.87 25.12
C PRO D 235 0.62 -8.35 24.79
N ALA D 236 0.96 -8.61 23.53
CA ALA D 236 1.26 -9.97 23.09
C ALA D 236 2.58 -10.44 23.74
N GLY D 237 3.44 -9.48 24.07
CA GLY D 237 4.70 -9.80 24.70
C GLY D 237 5.90 -9.67 23.78
N ASP D 238 5.63 -9.41 22.49
CA ASP D 238 6.69 -9.28 21.50
C ASP D 238 6.68 -7.86 20.91
N GLY D 239 6.06 -6.94 21.62
CA GLY D 239 5.99 -5.57 21.16
C GLY D 239 4.69 -5.20 20.49
N THR D 240 3.88 -6.18 20.09
CA THR D 240 2.58 -5.94 19.46
C THR D 240 1.44 -6.09 20.46
N PHE D 241 0.23 -5.74 20.04
CA PHE D 241 -0.91 -5.83 20.95
C PHE D 241 -2.07 -6.63 20.38
N GLN D 242 -2.98 -7.03 21.27
CA GLN D 242 -4.15 -7.80 20.87
C GLN D 242 -5.41 -7.20 21.52
N LYS D 243 -6.56 -7.47 20.90
CA LYS D 243 -7.84 -7.05 21.45
C LYS D 243 -8.95 -7.81 20.73
N TRP D 244 -10.02 -8.12 21.47
CA TRP D 244 -11.18 -8.78 20.87
C TRP D 244 -12.50 -8.20 21.39
N ALA D 245 -13.54 -8.31 20.58
CA ALA D 245 -14.89 -7.82 20.90
C ALA D 245 -15.85 -8.94 20.50
N ALA D 246 -16.83 -9.26 21.34
CA ALA D 246 -17.78 -10.34 21.02
C ALA D 246 -19.23 -10.00 21.31
N VAL D 247 -20.11 -10.55 20.47
CA VAL D 247 -21.56 -10.38 20.62
C VAL D 247 -22.24 -11.74 20.60
N VAL D 248 -23.29 -11.90 21.41
CA VAL D 248 -24.07 -13.14 21.43
C VAL D 248 -25.22 -12.92 20.46
N VAL D 249 -25.14 -13.67 19.36
CA VAL D 249 -26.07 -13.58 18.24
C VAL D 249 -27.16 -14.65 18.21
N PRO D 250 -28.41 -14.23 17.96
CA PRO D 250 -29.48 -15.23 17.90
C PRO D 250 -29.21 -15.98 16.60
N SER D 251 -29.16 -17.31 16.69
CA SER D 251 -28.88 -18.15 15.52
C SER D 251 -29.78 -17.73 14.37
N GLY D 252 -29.18 -17.54 13.20
CA GLY D 252 -29.94 -17.09 12.04
C GLY D 252 -29.70 -15.62 11.75
N GLN D 253 -29.13 -14.89 12.71
CA GLN D 253 -28.87 -13.47 12.54
C GLN D 253 -27.39 -13.07 12.32
N GLU D 254 -26.53 -14.04 11.99
CA GLU D 254 -25.11 -13.73 11.77
C GLU D 254 -24.93 -12.63 10.74
N GLN D 255 -25.65 -12.74 9.63
CA GLN D 255 -25.57 -11.73 8.58
C GLN D 255 -25.86 -10.27 8.97
N ARG D 256 -26.56 -10.05 10.06
CA ARG D 256 -26.89 -8.67 10.48
C ARG D 256 -25.74 -7.93 11.16
N TYR D 257 -24.82 -8.70 11.75
CA TYR D 257 -23.68 -8.12 12.45
C TYR D 257 -22.43 -7.89 11.64
N THR D 258 -21.77 -6.77 11.93
CA THR D 258 -20.52 -6.43 11.27
C THR D 258 -19.55 -5.97 12.33
N CYS D 259 -18.30 -6.35 12.16
CA CYS D 259 -17.25 -5.93 13.08
C CYS D 259 -16.50 -4.79 12.38
N HIS D 260 -16.20 -3.73 13.13
CA HIS D 260 -15.50 -2.61 12.54
C HIS D 260 -14.18 -2.39 13.26
N VAL D 261 -13.13 -2.28 12.46
CA VAL D 261 -11.78 -2.11 12.98
C VAL D 261 -11.16 -0.81 12.48
N GLN D 262 -10.60 -0.04 13.41
CA GLN D 262 -9.95 1.21 13.07
C GLN D 262 -8.56 1.20 13.65
N HIS D 263 -7.57 1.52 12.83
CA HIS D 263 -6.18 1.54 13.27
C HIS D 263 -5.30 2.33 12.29
N GLU D 264 -4.30 3.04 12.82
CA GLU D 264 -3.37 3.83 11.99
C GLU D 264 -2.70 3.01 10.89
N GLY D 265 -2.40 1.75 11.19
CA GLY D 265 -1.80 0.86 10.20
C GLY D 265 -2.73 0.42 9.08
N LEU D 266 -4.00 0.84 9.12
CA LEU D 266 -4.99 0.49 8.10
C LEU D 266 -5.36 1.68 7.23
N PRO D 267 -5.18 1.57 5.90
CA PRO D 267 -5.54 2.68 5.01
C PRO D 267 -7.04 2.97 5.10
N LYS D 268 -7.84 1.90 5.08
CA LYS D 268 -9.30 2.02 5.20
C LYS D 268 -9.74 1.20 6.40
N PRO D 269 -10.75 1.68 7.15
CA PRO D 269 -11.22 0.89 8.31
C PRO D 269 -11.84 -0.39 7.77
N LEU D 270 -11.76 -1.47 8.55
CA LEU D 270 -12.31 -2.75 8.12
C LEU D 270 -13.72 -2.99 8.62
N THR D 271 -14.50 -3.69 7.79
CA THR D 271 -15.86 -4.08 8.11
C THR D 271 -15.83 -5.58 7.83
N LEU D 272 -16.07 -6.37 8.84
CA LEU D 272 -16.04 -7.81 8.69
C LEU D 272 -17.45 -8.29 8.96
N ARG D 273 -17.89 -9.32 8.24
CA ARG D 273 -19.24 -9.85 8.38
C ARG D 273 -19.13 -11.36 8.28
N TRP D 274 -19.68 -12.08 9.24
CA TRP D 274 -19.60 -13.55 9.19
C TRP D 274 -20.50 -14.03 8.08
N GLU D 275 -19.92 -14.66 7.05
CA GLU D 275 -20.70 -15.16 5.94
C GLU D 275 -19.97 -16.23 5.15
N MET E 1 -8.06 3.13 52.78
CA MET E 1 -7.13 3.37 51.67
C MET E 1 -7.67 2.72 50.42
N ILE E 2 -7.36 3.34 49.27
CA ILE E 2 -7.80 2.88 47.97
C ILE E 2 -7.31 1.46 47.70
N GLN E 3 -8.24 0.63 47.23
CA GLN E 3 -7.97 -0.76 46.87
C GLN E 3 -8.79 -1.02 45.61
N ARG E 4 -8.11 -1.40 44.54
CA ARG E 4 -8.76 -1.67 43.26
C ARG E 4 -8.52 -3.12 42.86
N THR E 5 -9.53 -3.76 42.28
CA THR E 5 -9.43 -5.16 41.86
C THR E 5 -8.73 -5.33 40.52
N PRO E 6 -7.79 -6.29 40.47
CA PRO E 6 -7.07 -6.52 39.22
C PRO E 6 -7.92 -7.25 38.20
N LYS E 7 -7.87 -6.77 36.96
CA LYS E 7 -8.58 -7.39 35.85
C LYS E 7 -7.57 -8.48 35.46
N ILE E 8 -8.07 -9.57 34.88
CA ILE E 8 -7.18 -10.66 34.51
C ILE E 8 -7.50 -11.21 33.14
N GLN E 9 -6.46 -11.36 32.34
CA GLN E 9 -6.59 -11.93 31.01
C GLN E 9 -5.48 -12.97 30.86
N VAL E 10 -5.85 -14.20 30.54
CA VAL E 10 -4.87 -15.27 30.34
C VAL E 10 -5.02 -15.63 28.86
N TYR E 11 -3.92 -15.57 28.12
CA TYR E 11 -3.93 -15.82 26.67
C TYR E 11 -2.53 -16.13 26.19
N SER E 12 -2.42 -16.58 24.96
CA SER E 12 -1.13 -16.90 24.34
C SER E 12 -0.71 -15.77 23.39
N ARG E 13 0.60 -15.65 23.17
CA ARG E 13 1.12 -14.63 22.28
C ARG E 13 0.62 -14.85 20.86
N HIS E 14 0.82 -16.06 20.36
CA HIS E 14 0.42 -16.40 19.00
C HIS E 14 -0.76 -17.36 19.08
N PRO E 15 -1.59 -17.40 18.01
CA PRO E 15 -2.73 -18.34 18.07
C PRO E 15 -2.22 -19.72 18.44
N ALA E 16 -2.92 -20.37 19.36
CA ALA E 16 -2.51 -21.68 19.82
C ALA E 16 -2.66 -22.83 18.84
N GLU E 17 -1.54 -23.38 18.40
CA GLU E 17 -1.55 -24.55 17.52
C GLU E 17 -0.73 -25.62 18.24
N ASN E 18 -1.36 -26.78 18.44
CA ASN E 18 -0.76 -27.91 19.12
C ASN E 18 0.61 -28.37 18.63
N GLY E 19 1.52 -28.55 19.59
CA GLY E 19 2.86 -28.98 19.26
C GLY E 19 3.86 -27.89 18.96
N LYS E 20 3.37 -26.66 18.77
CA LYS E 20 4.23 -25.53 18.45
C LYS E 20 4.45 -24.61 19.65
N SER E 21 5.72 -24.26 19.88
CA SER E 21 6.09 -23.41 21.01
C SER E 21 5.37 -22.06 20.95
N ASN E 22 5.14 -21.48 22.12
CA ASN E 22 4.40 -20.23 22.19
C ASN E 22 4.75 -19.59 23.54
N PHE E 23 3.97 -18.60 23.94
CA PHE E 23 4.14 -17.94 25.22
C PHE E 23 2.74 -17.81 25.83
N LEU E 24 2.60 -18.29 27.06
CA LEU E 24 1.36 -18.19 27.79
C LEU E 24 1.48 -16.90 28.59
N ASN E 25 0.53 -16.00 28.43
CA ASN E 25 0.53 -14.72 29.14
C ASN E 25 -0.60 -14.60 30.16
N CYS E 26 -0.32 -13.84 31.22
CA CYS E 26 -1.33 -13.53 32.22
C CYS E 26 -1.09 -12.06 32.50
N TYR E 27 -2.01 -11.24 32.00
CA TYR E 27 -1.94 -9.81 32.14
C TYR E 27 -2.90 -9.31 33.21
N VAL E 28 -2.35 -8.72 34.25
CA VAL E 28 -3.18 -8.15 35.31
C VAL E 28 -3.13 -6.63 35.21
N SER E 29 -4.28 -5.99 35.42
CA SER E 29 -4.34 -4.54 35.31
C SER E 29 -5.41 -3.91 36.19
N GLY E 30 -5.33 -2.59 36.36
CA GLY E 30 -6.30 -1.84 37.14
C GLY E 30 -6.31 -2.07 38.64
N PHE E 31 -5.23 -2.60 39.18
CA PHE E 31 -5.21 -2.87 40.61
C PHE E 31 -4.41 -1.88 41.47
N HIS E 32 -4.67 -1.94 42.77
CA HIS E 32 -4.00 -1.11 43.76
C HIS E 32 -4.36 -1.65 45.14
N PRO E 33 -3.37 -1.79 46.04
CA PRO E 33 -1.94 -1.49 45.86
C PRO E 33 -1.22 -2.43 44.89
N SER E 34 0.10 -2.32 44.83
CA SER E 34 0.85 -3.13 43.91
C SER E 34 1.17 -4.57 44.25
N ASP E 35 1.23 -4.92 45.53
CA ASP E 35 1.54 -6.32 45.81
C ASP E 35 0.40 -7.16 45.31
N ILE E 36 0.78 -8.18 44.55
CA ILE E 36 -0.15 -9.08 43.94
C ILE E 36 0.65 -10.36 43.71
N GLU E 37 -0.04 -11.48 43.64
CA GLU E 37 0.62 -12.76 43.42
C GLU E 37 -0.04 -13.28 42.18
N VAL E 38 0.78 -13.70 41.22
CA VAL E 38 0.30 -14.22 39.94
C VAL E 38 1.08 -15.47 39.56
N ASP E 39 0.36 -16.57 39.42
CA ASP E 39 0.93 -17.87 39.07
C ASP E 39 0.27 -18.40 37.81
N LEU E 40 1.05 -19.12 36.99
CA LEU E 40 0.52 -19.76 35.80
C LEU E 40 0.56 -21.24 36.18
N LEU E 41 -0.50 -21.97 35.88
CA LEU E 41 -0.57 -23.38 36.24
C LEU E 41 -0.72 -24.28 35.03
N LYS E 42 -0.02 -25.40 35.04
CA LYS E 42 -0.13 -26.37 33.97
C LYS E 42 -0.74 -27.58 34.66
N ASN E 43 -1.99 -27.88 34.29
CA ASN E 43 -2.74 -29.00 34.87
C ASN E 43 -2.68 -28.95 36.38
N GLY E 44 -2.89 -27.76 36.94
CA GLY E 44 -2.86 -27.60 38.38
C GLY E 44 -1.54 -27.27 39.03
N GLU E 45 -0.43 -27.64 38.40
CA GLU E 45 0.88 -27.37 38.99
C GLU E 45 1.46 -26.00 38.64
N ARG E 46 1.96 -25.31 39.66
CA ARG E 46 2.57 -24.01 39.48
C ARG E 46 3.81 -24.11 38.57
N ILE E 47 3.82 -23.36 37.49
CA ILE E 47 4.94 -23.35 36.56
C ILE E 47 6.04 -22.53 37.22
N GLU E 48 7.28 -23.00 37.18
CA GLU E 48 8.37 -22.31 37.86
C GLU E 48 9.12 -21.22 37.11
N LYS E 49 9.24 -21.31 35.79
CA LYS E 49 9.95 -20.27 35.04
C LYS E 49 8.99 -19.28 34.39
N VAL E 50 8.45 -18.40 35.22
CA VAL E 50 7.52 -17.37 34.80
C VAL E 50 8.12 -16.01 35.11
N GLU E 51 8.16 -15.13 34.13
CA GLU E 51 8.69 -13.79 34.39
C GLU E 51 7.55 -12.80 34.26
N HIS E 52 7.83 -11.55 34.62
CA HIS E 52 6.83 -10.49 34.55
C HIS E 52 7.49 -9.19 34.14
N SER E 53 6.71 -8.29 33.55
CA SER E 53 7.23 -6.99 33.13
C SER E 53 7.59 -6.16 34.36
N ASP E 54 8.22 -5.02 34.12
CA ASP E 54 8.61 -4.14 35.20
C ASP E 54 7.35 -3.40 35.62
N LEU E 55 7.08 -3.34 36.92
CA LEU E 55 5.88 -2.67 37.41
C LEU E 55 5.71 -1.27 36.84
N SER E 56 4.55 -1.01 36.26
CA SER E 56 4.21 0.29 35.70
C SER E 56 2.76 0.61 36.04
N PHE E 57 2.26 1.77 35.61
CA PHE E 57 0.87 2.16 35.92
C PHE E 57 0.24 3.04 34.86
N SER E 58 -1.09 3.08 34.87
CA SER E 58 -1.89 3.84 33.91
C SER E 58 -2.11 5.30 34.32
N LYS E 59 -2.91 6.01 33.51
CA LYS E 59 -3.21 7.42 33.78
C LYS E 59 -3.85 7.56 35.14
N ASP E 60 -4.81 6.69 35.42
CA ASP E 60 -5.52 6.73 36.69
C ASP E 60 -4.70 6.24 37.88
N TRP E 61 -3.43 5.90 37.62
CA TRP E 61 -2.49 5.42 38.64
C TRP E 61 -2.61 3.93 39.00
N SER E 62 -3.56 3.22 38.41
CA SER E 62 -3.66 1.80 38.76
C SER E 62 -2.56 1.00 38.05
N PHE E 63 -2.13 -0.08 38.70
CA PHE E 63 -1.03 -0.89 38.18
C PHE E 63 -1.41 -1.93 37.15
N TYR E 64 -0.40 -2.36 36.39
CA TYR E 64 -0.54 -3.39 35.38
C TYR E 64 0.79 -4.16 35.28
N LEU E 65 0.69 -5.46 35.04
CA LEU E 65 1.86 -6.35 34.94
C LEU E 65 1.61 -7.49 33.99
N LEU E 66 2.62 -7.84 33.21
CA LEU E 66 2.50 -8.97 32.31
C LEU E 66 3.38 -10.11 32.81
N TYR E 67 2.74 -11.24 33.11
CA TYR E 67 3.44 -12.45 33.53
C TYR E 67 3.42 -13.33 32.29
N TYR E 68 4.50 -14.03 32.02
CA TYR E 68 4.57 -14.86 30.82
C TYR E 68 5.53 -16.02 30.98
N THR E 69 5.34 -17.04 30.13
CA THR E 69 6.17 -18.22 30.18
C THR E 69 6.11 -18.91 28.82
N GLU E 70 7.20 -19.57 28.44
CA GLU E 70 7.26 -20.29 27.18
C GLU E 70 6.50 -21.61 27.35
N PHE E 71 5.73 -21.99 26.33
CA PHE E 71 4.99 -23.24 26.39
C PHE E 71 4.61 -23.73 25.02
N THR E 72 4.39 -25.03 24.93
CA THR E 72 3.97 -25.67 23.71
C THR E 72 2.64 -26.31 24.03
N PRO E 73 1.53 -25.71 23.56
CA PRO E 73 0.20 -26.26 23.81
C PRO E 73 -0.08 -27.64 23.18
N THR E 74 -0.88 -28.43 23.88
CA THR E 74 -1.25 -29.78 23.44
C THR E 74 -2.76 -29.88 23.61
N GLU E 75 -3.40 -30.84 22.95
CA GLU E 75 -4.85 -31.00 23.07
C GLU E 75 -5.24 -31.30 24.53
N LYS E 76 -4.43 -32.11 25.19
CA LYS E 76 -4.69 -32.50 26.58
C LYS E 76 -4.48 -31.48 27.70
N ASP E 77 -3.38 -30.74 27.65
CA ASP E 77 -3.05 -29.81 28.71
C ASP E 77 -3.95 -28.62 28.98
N GLU E 78 -4.26 -28.42 30.26
CA GLU E 78 -5.07 -27.31 30.71
C GLU E 78 -4.10 -26.33 31.38
N TYR E 79 -4.28 -25.04 31.13
CA TYR E 79 -3.44 -24.00 31.73
C TYR E 79 -4.35 -22.99 32.39
N ALA E 80 -3.83 -22.27 33.38
CA ALA E 80 -4.62 -21.28 34.08
C ALA E 80 -3.74 -20.24 34.76
N CYS E 81 -4.36 -19.17 35.24
CA CYS E 81 -3.65 -18.10 35.92
C CYS E 81 -4.32 -17.91 37.26
N ARG E 82 -3.54 -18.02 38.34
CA ARG E 82 -4.07 -17.83 39.68
C ARG E 82 -3.56 -16.50 40.20
N VAL E 83 -4.47 -15.66 40.68
CA VAL E 83 -4.10 -14.35 41.17
C VAL E 83 -4.60 -14.06 42.58
N ASN E 84 -3.74 -13.48 43.41
CA ASN E 84 -4.18 -13.09 44.75
C ASN E 84 -3.84 -11.64 45.01
N HIS E 85 -4.72 -10.96 45.75
CA HIS E 85 -4.57 -9.52 46.05
C HIS E 85 -5.47 -9.19 47.25
N VAL E 86 -5.27 -8.04 47.90
CA VAL E 86 -6.12 -7.67 49.06
C VAL E 86 -7.61 -7.66 48.76
N THR E 87 -7.95 -7.28 47.53
CA THR E 87 -9.33 -7.22 47.10
C THR E 87 -9.98 -8.58 46.84
N LEU E 88 -9.22 -9.66 46.95
CA LEU E 88 -9.77 -11.00 46.68
C LEU E 88 -9.86 -11.87 47.93
N SER E 89 -11.03 -12.45 48.16
CA SER E 89 -11.28 -13.32 49.32
C SER E 89 -10.47 -14.59 49.20
N GLN E 90 -10.53 -15.22 48.03
CA GLN E 90 -9.75 -16.43 47.75
C GLN E 90 -9.03 -16.13 46.46
N PRO E 91 -8.04 -16.97 46.10
CA PRO E 91 -7.30 -16.74 44.85
C PRO E 91 -8.27 -16.83 43.68
N LYS E 92 -8.07 -15.95 42.70
CA LYS E 92 -8.88 -15.90 41.52
C LYS E 92 -8.20 -16.73 40.44
N ILE E 93 -8.87 -17.78 39.98
CA ILE E 93 -8.31 -18.65 38.96
C ILE E 93 -9.08 -18.47 37.67
N VAL E 94 -8.34 -18.12 36.63
CA VAL E 94 -8.91 -17.92 35.30
C VAL E 94 -8.25 -18.95 34.39
N LYS E 95 -9.07 -19.73 33.69
CA LYS E 95 -8.56 -20.74 32.79
C LYS E 95 -8.26 -20.21 31.41
N TRP E 96 -7.24 -20.77 30.80
CA TRP E 96 -6.87 -20.38 29.46
C TRP E 96 -7.81 -21.11 28.52
N ASP E 97 -8.47 -20.34 27.67
CA ASP E 97 -9.40 -20.83 26.66
C ASP E 97 -8.74 -20.41 25.36
N ARG E 98 -8.43 -21.37 24.48
CA ARG E 98 -7.77 -21.07 23.21
C ARG E 98 -8.50 -20.01 22.39
N ASP E 99 -9.80 -19.86 22.64
CA ASP E 99 -10.61 -18.91 21.90
C ASP E 99 -10.77 -17.55 22.58
N MET E 100 -9.85 -17.20 23.48
CA MET E 100 -9.95 -15.93 24.19
C MET E 100 -8.59 -15.24 24.48
N MET F 1 15.40 10.60 28.49
CA MET F 1 16.31 11.18 29.50
C MET F 1 15.53 11.73 30.69
N LEU F 2 15.96 11.35 31.89
CA LEU F 2 15.34 11.79 33.13
C LEU F 2 15.54 13.27 33.39
N LEU F 3 14.69 13.81 34.25
CA LEU F 3 14.75 15.21 34.67
C LEU F 3 15.93 15.34 35.65
N SER F 4 16.55 16.53 35.72
CA SER F 4 17.66 16.76 36.64
C SER F 4 17.27 17.58 37.86
N VAL F 5 16.19 18.35 37.74
CA VAL F 5 15.68 19.18 38.85
C VAL F 5 15.28 18.25 39.98
N PRO F 6 15.96 18.35 41.14
CA PRO F 6 15.60 17.47 42.26
C PRO F 6 14.41 18.09 42.97
N LEU F 7 13.38 17.27 43.20
CA LEU F 7 12.17 17.76 43.87
C LEU F 7 11.86 16.95 45.11
N LEU F 8 11.33 17.63 46.12
CA LEU F 8 10.94 16.97 47.37
C LEU F 8 9.59 17.59 47.69
N LEU F 9 8.61 16.78 48.07
CA LEU F 9 7.27 17.30 48.38
C LEU F 9 7.33 18.13 49.65
N GLY F 10 8.39 17.92 50.43
CA GLY F 10 8.58 18.64 51.67
C GLY F 10 10.06 18.73 51.93
#